data_8SZA
#
_entry.id   8SZA
#
_cell.length_a   1.00
_cell.length_b   1.00
_cell.length_c   1.00
_cell.angle_alpha   90.00
_cell.angle_beta   90.00
_cell.angle_gamma   90.00
#
_symmetry.space_group_name_H-M   'P 1'
#
loop_
_entity.id
_entity.type
_entity.pdbx_description
1 polymer Ninjurin-1
2 non-polymer CHOLESTEROL
#
_entity_poly.entity_id   1
_entity_poly.type   'polypeptide(L)'
_entity_poly.pdbx_seq_one_letter_code
;MDYKDHDGDYKDHDIDYKDDDDKGSGDSGTEEYELNGGLPPGTPGSPDASPARWGWRHGPINVNHYASKKSAAESMLDIA
LLMANASQLKAVVEQGPSFAFYVPLVVLISISLVLQIGVGVLLIFLVKYDLNNPAKHAKLDFLNNLATGLVFIIVVVNIF
ITAFGVQKPLMDMAPQQ
;
_entity_poly.pdbx_strand_id   A,B,C,D,E,F
#
loop_
_chem_comp.id
_chem_comp.type
_chem_comp.name
_chem_comp.formula
CLR non-polymer CHOLESTEROL 'C27 H46 O'
#
# COMPACT_ATOMS: atom_id res chain seq x y z
N ASN A 64 46.02 8.61 2.49
CA ASN A 64 44.90 9.36 1.93
C ASN A 64 43.64 9.15 2.75
N HIS A 65 42.97 10.25 3.09
CA HIS A 65 41.73 10.18 3.86
C HIS A 65 40.49 10.17 2.98
N TYR A 66 40.57 10.73 1.77
CA TYR A 66 39.42 10.74 0.89
C TYR A 66 39.12 9.34 0.35
N ALA A 67 40.15 8.53 0.12
CA ALA A 67 39.94 7.18 -0.38
C ALA A 67 39.18 6.32 0.61
N SER A 68 39.50 6.47 1.91
CA SER A 68 38.77 5.72 2.93
C SER A 68 37.30 6.12 2.96
N LYS A 69 37.01 7.41 2.86
CA LYS A 69 35.62 7.87 2.82
C LYS A 69 34.92 7.34 1.58
N LYS A 70 35.62 7.33 0.44
CA LYS A 70 35.03 6.79 -0.79
C LYS A 70 34.70 5.33 -0.65
N SER A 71 35.60 4.54 -0.04
CA SER A 71 35.33 3.13 0.17
C SER A 71 34.15 2.92 1.10
N ALA A 72 34.11 3.68 2.20
CA ALA A 72 33.02 3.54 3.18
C ALA A 72 31.69 4.02 2.62
N ALA A 73 31.69 4.91 1.63
CA ALA A 73 30.48 5.35 0.97
C ALA A 73 30.04 4.43 -0.15
N GLU A 74 30.98 3.79 -0.86
CA GLU A 74 30.64 2.81 -1.87
C GLU A 74 30.20 1.49 -1.27
N SER A 75 30.63 1.17 -0.05
CA SER A 75 30.18 -0.04 0.63
C SER A 75 28.73 0.06 1.10
N MET A 76 28.13 1.25 1.06
CA MET A 76 26.79 1.47 1.57
C MET A 76 25.72 1.30 0.50
N LEU A 77 26.10 0.92 -0.72
CA LEU A 77 25.13 0.80 -1.81
C LEU A 77 25.73 -0.10 -2.89
N ASP A 78 24.90 -0.43 -3.89
CA ASP A 78 25.32 -1.19 -5.04
C ASP A 78 25.54 -0.25 -6.21
N ILE A 79 26.51 -0.57 -7.06
CA ILE A 79 26.93 0.34 -8.11
C ILE A 79 26.52 -0.16 -9.49
N ALA A 80 26.64 -1.46 -9.74
CA ALA A 80 26.29 -2.01 -11.06
C ALA A 80 24.85 -1.69 -11.42
N LEU A 81 23.94 -1.78 -10.44
CA LEU A 81 22.57 -1.33 -10.67
C LEU A 81 22.53 0.14 -11.02
N LEU A 82 23.49 0.93 -10.51
CA LEU A 82 23.50 2.36 -10.82
C LEU A 82 23.92 2.61 -12.27
N MET A 83 24.97 1.92 -12.76
CA MET A 83 25.25 2.03 -14.19
C MET A 83 24.09 1.53 -15.02
N ALA A 84 23.44 0.44 -14.61
CA ALA A 84 22.31 -0.07 -15.38
C ALA A 84 21.20 0.97 -15.47
N ASN A 85 20.85 1.58 -14.34
CA ASN A 85 19.79 2.58 -14.32
C ASN A 85 20.17 3.80 -15.15
N ALA A 86 21.41 4.27 -15.01
CA ALA A 86 21.83 5.44 -15.78
C ALA A 86 21.82 5.15 -17.28
N SER A 87 22.28 3.96 -17.69
CA SER A 87 22.31 3.62 -19.10
C SER A 87 20.91 3.52 -19.67
N GLN A 88 20.00 2.83 -18.97
CA GLN A 88 18.65 2.71 -19.50
C GLN A 88 17.92 4.05 -19.49
N LEU A 89 18.18 4.89 -18.48
CA LEU A 89 17.59 6.22 -18.45
C LEU A 89 18.07 7.05 -19.63
N LYS A 90 19.37 7.01 -19.93
CA LYS A 90 19.89 7.72 -21.09
C LYS A 90 19.25 7.20 -22.37
N ALA A 91 19.10 5.88 -22.49
CA ALA A 91 18.51 5.30 -23.69
C ALA A 91 17.08 5.78 -23.89
N VAL A 92 16.25 5.71 -22.84
CA VAL A 92 14.85 6.08 -22.99
C VAL A 92 14.71 7.58 -23.22
N VAL A 93 15.54 8.38 -22.55
CA VAL A 93 15.50 9.83 -22.75
C VAL A 93 15.90 10.19 -24.17
N GLU A 94 16.95 9.56 -24.71
CA GLU A 94 17.48 9.95 -26.01
C GLU A 94 16.56 9.45 -27.13
N GLN A 95 16.03 8.23 -27.00
CA GLN A 95 15.32 7.63 -28.14
C GLN A 95 13.98 8.32 -28.38
N GLY A 96 13.40 8.95 -27.36
CA GLY A 96 12.31 9.88 -27.57
C GLY A 96 10.99 9.50 -26.92
N PRO A 97 10.13 10.51 -26.72
CA PRO A 97 8.80 10.23 -26.15
C PRO A 97 7.87 9.48 -27.07
N SER A 98 8.18 9.38 -28.37
CA SER A 98 7.31 8.63 -29.28
C SER A 98 7.26 7.16 -28.90
N PHE A 99 8.34 6.65 -28.31
CA PHE A 99 8.37 5.27 -27.86
C PHE A 99 7.36 5.03 -26.74
N ALA A 100 6.69 3.88 -26.80
CA ALA A 100 5.73 3.53 -25.77
C ALA A 100 6.44 3.19 -24.46
N PHE A 101 5.69 3.27 -23.36
CA PHE A 101 6.20 3.04 -22.01
C PHE A 101 7.28 4.05 -21.62
N TYR A 102 7.37 5.17 -22.34
CA TYR A 102 8.38 6.18 -22.03
C TYR A 102 8.17 6.77 -20.64
N VAL A 103 6.95 7.25 -20.38
CA VAL A 103 6.62 7.93 -19.13
C VAL A 103 6.71 7.00 -17.93
N PRO A 104 6.10 5.80 -17.95
CA PRO A 104 6.27 4.91 -16.79
C PRO A 104 7.72 4.56 -16.53
N LEU A 105 8.51 4.35 -17.59
CA LEU A 105 9.92 4.07 -17.39
C LEU A 105 10.63 5.24 -16.72
N VAL A 106 10.35 6.46 -17.19
CA VAL A 106 11.03 7.63 -16.62
C VAL A 106 10.66 7.80 -15.14
N VAL A 107 9.36 7.72 -14.83
CA VAL A 107 8.95 7.96 -13.44
C VAL A 107 9.44 6.85 -12.53
N LEU A 108 9.44 5.60 -13.01
CA LEU A 108 9.91 4.49 -12.19
C LEU A 108 11.40 4.60 -11.94
N ILE A 109 12.17 4.98 -12.96
CA ILE A 109 13.61 5.17 -12.77
C ILE A 109 13.87 6.29 -11.77
N SER A 110 13.10 7.38 -11.88
CA SER A 110 13.28 8.51 -10.97
C SER A 110 13.01 8.11 -9.52
N ILE A 111 11.88 7.44 -9.28
CA ILE A 111 11.55 7.06 -7.90
C ILE A 111 12.54 6.02 -7.39
N SER A 112 12.99 5.12 -8.26
CA SER A 112 13.98 4.14 -7.85
C SER A 112 15.28 4.81 -7.43
N LEU A 113 15.73 5.80 -8.20
CA LEU A 113 16.95 6.52 -7.86
C LEU A 113 16.81 7.29 -6.55
N VAL A 114 15.65 7.94 -6.36
CA VAL A 114 15.40 8.65 -5.10
C VAL A 114 15.44 7.69 -3.92
N LEU A 115 14.79 6.53 -4.07
CA LEU A 115 14.77 5.55 -2.99
C LEU A 115 16.17 4.98 -2.73
N GLN A 116 16.97 4.81 -3.79
CA GLN A 116 18.34 4.34 -3.60
C GLN A 116 19.17 5.34 -2.83
N ILE A 117 19.02 6.63 -3.13
CA ILE A 117 19.73 7.65 -2.35
C ILE A 117 19.27 7.63 -0.91
N GLY A 118 17.96 7.50 -0.69
CA GLY A 118 17.45 7.42 0.67
C GLY A 118 18.00 6.24 1.45
N VAL A 119 18.08 5.07 0.79
CA VAL A 119 18.63 3.89 1.43
C VAL A 119 20.12 4.07 1.72
N GLY A 120 20.84 4.72 0.80
CA GLY A 120 22.24 4.98 1.05
C GLY A 120 22.45 5.87 2.26
N VAL A 121 21.64 6.92 2.38
CA VAL A 121 21.73 7.79 3.56
C VAL A 121 21.38 7.03 4.82
N LEU A 122 20.33 6.21 4.76
CA LEU A 122 19.94 5.36 5.89
C LEU A 122 21.09 4.48 6.34
N LEU A 123 21.75 3.80 5.40
CA LEU A 123 22.84 2.90 5.76
C LEU A 123 24.04 3.67 6.30
N ILE A 124 24.32 4.83 5.70
CA ILE A 124 25.45 5.65 6.16
C ILE A 124 25.24 6.07 7.61
N PHE A 125 24.04 6.52 7.95
CA PHE A 125 23.78 6.94 9.31
C PHE A 125 23.44 5.79 10.26
N LEU A 126 23.24 4.59 9.74
CA LEU A 126 22.91 3.43 10.56
C LEU A 126 24.14 2.61 10.95
N VAL A 127 25.12 2.53 10.06
CA VAL A 127 26.32 1.73 10.36
C VAL A 127 27.06 2.30 11.56
N LYS A 128 27.12 3.63 11.68
CA LYS A 128 27.74 4.25 12.85
C LYS A 128 27.01 3.86 14.14
N TYR A 129 25.68 3.74 14.07
CA TYR A 129 24.89 3.42 15.26
C TYR A 129 25.16 2.01 15.76
N ASP A 130 25.67 1.11 14.91
CA ASP A 130 25.89 -0.27 15.31
C ASP A 130 27.03 -0.41 16.30
N LEU A 131 27.93 0.56 16.39
CA LEU A 131 29.14 0.43 17.19
C LEU A 131 29.21 1.43 18.33
N ASN A 132 28.83 2.68 18.10
CA ASN A 132 29.03 3.72 19.10
C ASN A 132 28.11 3.51 20.31
N ASN A 133 26.82 3.27 20.07
CA ASN A 133 25.85 3.15 21.15
C ASN A 133 24.76 2.17 20.73
N PRO A 134 24.89 0.90 21.09
CA PRO A 134 23.85 -0.09 20.78
C PRO A 134 22.78 -0.26 21.86
N ALA A 135 22.69 0.66 22.82
CA ALA A 135 21.76 0.47 23.93
C ALA A 135 20.31 0.43 23.46
N LYS A 136 19.94 1.34 22.55
CA LYS A 136 18.57 1.41 22.04
C LYS A 136 18.42 0.36 20.94
N HIS A 137 18.16 -0.88 21.38
CA HIS A 137 18.04 -1.99 20.44
C HIS A 137 16.80 -1.85 19.57
N ALA A 138 15.68 -1.41 20.15
CA ALA A 138 14.42 -1.39 19.43
C ALA A 138 14.47 -0.41 18.26
N LYS A 139 15.00 0.80 18.49
CA LYS A 139 15.08 1.78 17.42
C LYS A 139 15.98 1.31 16.29
N LEU A 140 17.13 0.72 16.64
CA LEU A 140 18.04 0.22 15.62
C LEU A 140 17.41 -0.90 14.81
N ASP A 141 16.71 -1.82 15.49
CA ASP A 141 16.05 -2.92 14.77
C ASP A 141 14.95 -2.39 13.85
N PHE A 142 14.19 -1.39 14.32
CA PHE A 142 13.15 -0.82 13.46
C PHE A 142 13.75 -0.11 12.26
N LEU A 143 14.89 0.57 12.45
CA LEU A 143 15.58 1.19 11.33
C LEU A 143 16.05 0.13 10.34
N ASN A 144 16.55 -1.00 10.84
CA ASN A 144 16.93 -2.10 9.96
C ASN A 144 15.74 -2.59 9.16
N ASN A 145 14.58 -2.72 9.81
CA ASN A 145 13.37 -3.16 9.12
C ASN A 145 12.95 -2.16 8.05
N LEU A 146 13.04 -0.87 8.36
CA LEU A 146 12.70 0.15 7.37
C LEU A 146 13.64 0.09 6.17
N ALA A 147 14.93 -0.10 6.42
CA ALA A 147 15.89 -0.24 5.32
C ALA A 147 15.58 -1.48 4.48
N THR A 148 15.22 -2.58 5.14
CA THR A 148 14.86 -3.79 4.40
C THR A 148 13.63 -3.58 3.53
N GLY A 149 12.61 -2.91 4.07
CA GLY A 149 11.42 -2.62 3.27
C GLY A 149 11.71 -1.70 2.11
N LEU A 150 12.58 -0.71 2.33
CA LEU A 150 12.96 0.19 1.24
C LEU A 150 13.69 -0.56 0.14
N VAL A 151 14.60 -1.46 0.50
CA VAL A 151 15.28 -2.27 -0.51
C VAL A 151 14.28 -3.19 -1.21
N PHE A 152 13.27 -3.68 -0.48
CA PHE A 152 12.24 -4.52 -1.07
C PHE A 152 11.50 -3.76 -2.16
N ILE A 153 11.05 -2.53 -1.85
CA ILE A 153 10.33 -1.76 -2.86
C ILE A 153 11.26 -1.35 -4.01
N ILE A 154 12.54 -1.12 -3.71
CA ILE A 154 13.50 -0.79 -4.76
C ILE A 154 13.66 -1.95 -5.73
N VAL A 155 13.77 -3.17 -5.19
CA VAL A 155 13.95 -4.33 -6.07
C VAL A 155 12.69 -4.62 -6.86
N VAL A 156 11.51 -4.34 -6.29
CA VAL A 156 10.27 -4.48 -7.06
C VAL A 156 10.26 -3.49 -8.22
N VAL A 157 10.63 -2.24 -7.95
CA VAL A 157 10.65 -1.23 -9.00
C VAL A 157 11.66 -1.61 -10.09
N ASN A 158 12.82 -2.13 -9.69
CA ASN A 158 13.82 -2.55 -10.67
C ASN A 158 13.35 -3.75 -11.48
N ILE A 159 12.60 -4.67 -10.86
CA ILE A 159 12.03 -5.77 -11.61
C ILE A 159 11.08 -5.25 -12.68
N PHE A 160 10.24 -4.28 -12.31
CA PHE A 160 9.32 -3.72 -13.29
C PHE A 160 10.04 -2.94 -14.38
N ILE A 161 11.15 -2.27 -14.03
CA ILE A 161 11.96 -1.60 -15.04
C ILE A 161 12.54 -2.60 -16.03
N THR A 162 13.07 -3.71 -15.51
CA THR A 162 13.62 -4.74 -16.38
C THR A 162 12.54 -5.33 -17.29
N ALA A 163 11.34 -5.54 -16.74
CA ALA A 163 10.26 -6.12 -17.54
C ALA A 163 9.84 -5.20 -18.68
N PHE A 164 9.73 -3.90 -18.42
CA PHE A 164 9.26 -2.96 -19.43
C PHE A 164 10.39 -2.46 -20.33
N ASN B 64 30.08 -4.91 2.68
CA ASN B 64 28.94 -4.36 1.98
C ASN B 64 27.66 -4.59 2.77
N HIS B 65 27.05 -3.49 3.25
CA HIS B 65 25.85 -3.59 4.06
C HIS B 65 24.58 -3.58 3.22
N TYR B 66 24.58 -2.92 2.07
CA TYR B 66 23.40 -2.90 1.22
C TYR B 66 23.06 -4.29 0.70
N ALA B 67 24.07 -5.07 0.31
CA ALA B 67 23.83 -6.41 -0.20
C ALA B 67 23.24 -7.32 0.88
N SER B 68 23.66 -7.12 2.13
CA SER B 68 23.06 -7.87 3.23
C SER B 68 21.57 -7.54 3.36
N LYS B 69 21.21 -6.27 3.22
CA LYS B 69 19.80 -5.90 3.23
C LYS B 69 19.07 -6.49 2.04
N LYS B 70 19.70 -6.48 0.86
CA LYS B 70 19.04 -7.02 -0.34
C LYS B 70 18.81 -8.52 -0.21
N SER B 71 19.78 -9.25 0.34
CA SER B 71 19.62 -10.69 0.53
C SER B 71 18.46 -10.99 1.47
N ALA B 72 18.36 -10.24 2.57
CA ALA B 72 17.26 -10.42 3.50
C ALA B 72 15.93 -9.95 2.93
N ALA B 73 15.94 -8.94 2.06
CA ALA B 73 14.73 -8.45 1.42
C ALA B 73 14.23 -9.37 0.31
N GLU B 74 15.13 -10.05 -0.40
CA GLU B 74 14.71 -11.01 -1.42
C GLU B 74 14.24 -12.32 -0.82
N SER B 75 14.52 -12.56 0.46
CA SER B 75 14.06 -13.78 1.13
C SER B 75 12.61 -13.67 1.58
N MET B 76 11.99 -12.51 1.46
CA MET B 76 10.62 -12.29 1.91
C MET B 76 9.63 -12.19 0.76
N LEU B 77 10.02 -12.61 -0.44
CA LEU B 77 9.13 -12.60 -1.59
C LEU B 77 9.67 -13.58 -2.62
N ASP B 78 8.93 -13.75 -3.70
CA ASP B 78 9.36 -14.58 -4.82
C ASP B 78 9.57 -13.71 -6.06
N ILE B 79 10.62 -14.02 -6.80
CA ILE B 79 10.98 -13.24 -7.98
C ILE B 79 10.32 -13.80 -9.24
N ALA B 80 10.29 -15.13 -9.38
CA ALA B 80 9.82 -15.74 -10.62
C ALA B 80 8.39 -15.35 -10.94
N LEU B 81 7.52 -15.32 -9.93
CA LEU B 81 6.13 -14.92 -10.16
C LEU B 81 6.04 -13.44 -10.52
N LEU B 82 6.87 -12.60 -9.90
CA LEU B 82 6.82 -11.17 -10.15
C LEU B 82 7.16 -10.82 -11.59
N MET B 83 8.23 -11.41 -12.12
CA MET B 83 8.54 -11.20 -13.54
C MET B 83 7.45 -11.78 -14.42
N ALA B 84 6.86 -12.90 -14.01
CA ALA B 84 5.74 -13.47 -14.75
C ALA B 84 4.55 -12.52 -14.75
N ASN B 85 4.24 -11.92 -13.60
CA ASN B 85 3.17 -10.94 -13.52
C ASN B 85 3.50 -9.69 -14.34
N ALA B 86 4.75 -9.23 -14.27
CA ALA B 86 5.13 -8.02 -14.99
C ALA B 86 5.21 -8.26 -16.49
N SER B 87 5.67 -9.44 -16.90
CA SER B 87 5.79 -9.74 -18.33
C SER B 87 4.43 -9.77 -19.00
N GLN B 88 3.42 -10.37 -18.36
CA GLN B 88 2.09 -10.43 -18.96
C GLN B 88 1.38 -9.09 -18.86
N LEU B 89 1.69 -8.30 -17.82
CA LEU B 89 1.13 -6.95 -17.74
C LEU B 89 1.59 -6.10 -18.90
N LYS B 90 2.87 -6.20 -19.27
CA LYS B 90 3.38 -5.49 -20.44
C LYS B 90 2.69 -5.98 -21.71
N ALA B 91 2.49 -7.29 -21.84
CA ALA B 91 1.90 -7.84 -23.05
C ALA B 91 0.46 -7.37 -23.24
N VAL B 92 -0.34 -7.42 -22.17
CA VAL B 92 -1.75 -7.05 -22.29
C VAL B 92 -1.89 -5.54 -22.52
N VAL B 93 -1.04 -4.74 -21.87
CA VAL B 93 -1.12 -3.30 -22.03
C VAL B 93 -0.71 -2.88 -23.43
N GLU B 94 0.38 -3.45 -23.93
CA GLU B 94 0.87 -3.06 -25.26
C GLU B 94 -0.02 -3.62 -26.36
N GLN B 95 -0.80 -4.66 -26.06
CA GLN B 95 -1.63 -5.28 -27.09
C GLN B 95 -2.81 -4.39 -27.47
N GLY B 96 -3.42 -3.71 -26.50
CA GLY B 96 -4.51 -2.81 -26.76
C GLY B 96 -5.82 -3.30 -26.19
N PRO B 97 -6.77 -2.39 -26.00
CA PRO B 97 -8.09 -2.78 -25.48
C PRO B 97 -8.94 -3.58 -26.45
N SER B 98 -8.53 -3.68 -27.72
CA SER B 98 -9.33 -4.40 -28.71
C SER B 98 -9.47 -5.87 -28.35
N PHE B 99 -8.39 -6.48 -27.89
CA PHE B 99 -8.44 -7.89 -27.50
C PHE B 99 -9.27 -8.07 -26.23
N ALA B 100 -9.98 -9.19 -26.16
CA ALA B 100 -10.87 -9.46 -25.05
C ALA B 100 -10.08 -9.76 -23.78
N PHE B 101 -10.79 -9.72 -22.65
CA PHE B 101 -10.22 -9.96 -21.32
C PHE B 101 -9.14 -8.94 -20.96
N TYR B 102 -9.18 -7.76 -21.58
CA TYR B 102 -8.20 -6.73 -21.24
C TYR B 102 -8.38 -6.25 -19.81
N VAL B 103 -9.60 -5.89 -19.44
CA VAL B 103 -9.89 -5.33 -18.12
C VAL B 103 -9.74 -6.35 -17.00
N PRO B 104 -10.36 -7.55 -17.08
CA PRO B 104 -10.20 -8.50 -15.98
C PRO B 104 -8.75 -8.86 -15.71
N LEU B 105 -7.93 -8.94 -16.76
CA LEU B 105 -6.51 -9.22 -16.57
C LEU B 105 -5.82 -8.08 -15.83
N VAL B 106 -6.12 -6.84 -16.20
CA VAL B 106 -5.45 -5.69 -15.59
C VAL B 106 -5.80 -5.57 -14.12
N VAL B 107 -7.09 -5.70 -13.79
CA VAL B 107 -7.50 -5.57 -12.39
C VAL B 107 -6.99 -6.75 -11.56
N LEU B 108 -6.98 -7.95 -12.15
CA LEU B 108 -6.48 -9.12 -11.43
C LEU B 108 -4.99 -8.98 -11.12
N ILE B 109 -4.21 -8.52 -12.11
CA ILE B 109 -2.79 -8.29 -11.87
C ILE B 109 -2.59 -7.17 -10.86
N SER B 110 -3.39 -6.11 -10.96
CA SER B 110 -3.22 -4.96 -10.07
C SER B 110 -3.50 -5.34 -8.62
N ILE B 111 -4.60 -6.04 -8.37
CA ILE B 111 -4.90 -6.48 -7.00
C ILE B 111 -3.89 -7.53 -6.56
N SER B 112 -3.42 -8.38 -7.48
CA SER B 112 -2.40 -9.35 -7.14
C SER B 112 -1.09 -8.65 -6.76
N LEU B 113 -0.70 -7.64 -7.53
CA LEU B 113 0.55 -6.94 -7.27
C LEU B 113 0.51 -6.22 -5.93
N VAL B 114 -0.63 -5.61 -5.60
CA VAL B 114 -0.76 -4.90 -4.33
C VAL B 114 -0.62 -5.88 -3.17
N LEU B 115 -1.21 -7.07 -3.29
CA LEU B 115 -1.17 -8.04 -2.21
C LEU B 115 0.25 -8.54 -1.96
N GLN B 116 1.03 -8.72 -3.03
CA GLN B 116 2.42 -9.18 -2.85
C GLN B 116 3.23 -8.17 -2.05
N ILE B 117 3.05 -6.88 -2.32
CA ILE B 117 3.71 -5.86 -1.51
C ILE B 117 3.21 -5.92 -0.07
N GLY B 118 1.90 -6.09 0.12
CA GLY B 118 1.38 -6.23 1.46
C GLY B 118 1.89 -7.46 2.18
N VAL B 119 2.03 -8.58 1.46
CA VAL B 119 2.61 -9.78 2.04
C VAL B 119 4.08 -9.54 2.39
N GLY B 120 4.81 -8.86 1.51
CA GLY B 120 6.23 -8.66 1.74
C GLY B 120 6.52 -7.84 2.98
N VAL B 121 5.80 -6.72 3.15
CA VAL B 121 6.00 -5.90 4.34
C VAL B 121 5.54 -6.65 5.57
N LEU B 122 4.47 -7.46 5.45
CA LEU B 122 4.05 -8.30 6.56
C LEU B 122 5.14 -9.29 6.94
N LEU B 123 5.78 -9.91 5.96
CA LEU B 123 6.83 -10.88 6.26
C LEU B 123 8.09 -10.21 6.80
N ILE B 124 8.38 -8.99 6.34
CA ILE B 124 9.58 -8.29 6.80
C ILE B 124 9.50 -8.02 8.30
N PHE B 125 8.36 -7.54 8.77
CA PHE B 125 8.17 -7.25 10.18
C PHE B 125 7.80 -8.48 11.00
N LEU B 126 7.58 -9.62 10.35
CA LEU B 126 7.20 -10.85 11.05
C LEU B 126 8.41 -11.66 11.48
N VAL B 127 9.50 -11.61 10.71
CA VAL B 127 10.74 -12.28 11.10
C VAL B 127 11.31 -11.65 12.37
N LYS B 128 11.02 -10.36 12.60
CA LYS B 128 11.41 -9.69 13.83
C LYS B 128 10.94 -10.46 15.06
N TYR B 129 9.65 -10.79 15.11
CA TYR B 129 9.06 -11.27 16.36
C TYR B 129 9.42 -12.71 16.66
N ASP B 130 9.90 -13.47 15.66
CA ASP B 130 10.28 -14.85 15.90
C ASP B 130 11.58 -14.97 16.69
N LEU B 131 12.39 -13.91 16.75
CA LEU B 131 13.67 -13.94 17.44
C LEU B 131 13.76 -12.93 18.58
N ASN B 132 13.36 -11.68 18.34
CA ASN B 132 13.58 -10.63 19.31
C ASN B 132 12.72 -10.83 20.56
N ASN B 133 11.42 -11.07 20.37
CA ASN B 133 10.50 -11.20 21.49
C ASN B 133 9.35 -12.12 21.08
N PRO B 134 9.47 -13.42 21.36
CA PRO B 134 8.36 -14.35 21.10
C PRO B 134 7.38 -14.51 22.26
N ALA B 135 7.41 -13.61 23.25
CA ALA B 135 6.53 -13.73 24.40
C ALA B 135 5.06 -13.62 24.00
N LYS B 136 4.73 -12.67 23.11
CA LYS B 136 3.35 -12.49 22.64
C LYS B 136 3.05 -13.57 21.61
N HIS B 137 2.82 -14.79 22.11
CA HIS B 137 2.57 -15.92 21.23
C HIS B 137 1.25 -15.76 20.47
N ALA B 138 0.16 -15.45 21.19
CA ALA B 138 -1.16 -15.47 20.59
C ALA B 138 -1.26 -14.51 19.42
N LYS B 139 -0.65 -13.33 19.55
CA LYS B 139 -0.60 -12.40 18.44
C LYS B 139 0.26 -12.93 17.30
N LEU B 140 1.34 -13.66 17.64
CA LEU B 140 2.27 -14.14 16.62
C LEU B 140 1.63 -15.22 15.75
N ASP B 141 0.92 -16.17 16.35
CA ASP B 141 0.26 -17.20 15.56
C ASP B 141 -0.83 -16.61 14.67
N PHE B 142 -1.58 -15.64 15.19
CA PHE B 142 -2.63 -15.03 14.37
C PHE B 142 -2.06 -14.31 13.17
N LEU B 143 -0.93 -13.62 13.35
CA LEU B 143 -0.28 -12.93 12.23
C LEU B 143 0.20 -13.93 11.19
N ASN B 144 0.65 -15.11 11.61
CA ASN B 144 1.02 -16.14 10.66
C ASN B 144 -0.17 -16.58 9.82
N ASN B 145 -1.34 -16.72 10.44
CA ASN B 145 -2.53 -17.12 9.71
C ASN B 145 -2.93 -16.05 8.70
N LEU B 146 -2.85 -14.78 9.08
CA LEU B 146 -3.15 -13.71 8.14
C LEU B 146 -2.17 -13.68 6.99
N ALA B 147 -0.88 -13.91 7.28
CA ALA B 147 0.11 -14.01 6.22
C ALA B 147 -0.17 -15.19 5.31
N THR B 148 -0.54 -16.34 5.90
CA THR B 148 -0.92 -17.49 5.10
C THR B 148 -2.19 -17.21 4.31
N GLY B 149 -3.16 -16.53 4.94
CA GLY B 149 -4.40 -16.21 4.24
C GLY B 149 -4.19 -15.28 3.07
N LEU B 150 -3.31 -14.28 3.23
CA LEU B 150 -3.05 -13.34 2.14
C LEU B 150 -2.41 -14.03 0.95
N VAL B 151 -1.44 -14.92 1.19
CA VAL B 151 -0.81 -15.65 0.10
C VAL B 151 -1.81 -16.60 -0.55
N PHE B 152 -2.72 -17.16 0.25
CA PHE B 152 -3.72 -18.08 -0.30
C PHE B 152 -4.60 -17.38 -1.32
N ILE B 153 -4.94 -16.12 -1.08
CA ILE B 153 -5.70 -15.36 -2.06
C ILE B 153 -4.85 -15.09 -3.30
N ILE B 154 -3.55 -14.84 -3.11
CA ILE B 154 -2.67 -14.47 -4.22
C ILE B 154 -2.58 -15.61 -5.24
N VAL B 155 -2.40 -16.85 -4.76
CA VAL B 155 -2.28 -17.97 -5.69
C VAL B 155 -3.60 -18.22 -6.42
N VAL B 156 -4.72 -18.03 -5.75
CA VAL B 156 -6.02 -18.19 -6.40
C VAL B 156 -6.17 -17.17 -7.52
N VAL B 157 -5.79 -15.92 -7.25
CA VAL B 157 -5.86 -14.88 -8.27
C VAL B 157 -4.94 -15.21 -9.43
N ASN B 158 -3.72 -15.67 -9.13
CA ASN B 158 -2.76 -16.00 -10.19
C ASN B 158 -3.25 -17.18 -11.03
N ILE B 159 -4.05 -18.07 -10.45
CA ILE B 159 -4.60 -19.18 -11.22
C ILE B 159 -5.51 -18.65 -12.32
N PHE B 160 -6.35 -17.66 -11.98
CA PHE B 160 -7.22 -17.06 -12.99
C PHE B 160 -6.43 -16.24 -14.01
N ILE B 161 -5.36 -15.57 -13.57
CA ILE B 161 -4.54 -14.81 -14.51
C ILE B 161 -3.91 -15.74 -15.53
N THR B 162 -3.40 -16.89 -15.09
CA THR B 162 -2.82 -17.85 -16.01
C THR B 162 -3.87 -18.42 -16.96
N ALA B 163 -5.07 -18.71 -16.44
CA ALA B 163 -6.12 -19.28 -17.28
C ALA B 163 -6.62 -18.29 -18.32
N PHE B 164 -6.79 -17.03 -17.92
CA PHE B 164 -7.30 -16.00 -18.83
C PHE B 164 -6.18 -15.43 -19.70
N ASN C 64 13.98 -18.71 2.23
CA ASN C 64 12.85 -17.98 1.68
C ASN C 64 11.61 -18.18 2.56
N HIS C 65 11.05 -17.07 3.03
CA HIS C 65 9.88 -17.14 3.90
C HIS C 65 8.57 -17.13 3.14
N TYR C 66 8.51 -16.45 1.99
CA TYR C 66 7.28 -16.44 1.20
C TYR C 66 6.97 -17.82 0.65
N ALA C 67 8.01 -18.57 0.26
CA ALA C 67 7.79 -19.92 -0.25
C ALA C 67 7.21 -20.83 0.83
N SER C 68 7.67 -20.68 2.07
CA SER C 68 7.09 -21.45 3.17
C SER C 68 5.62 -21.12 3.36
N LYS C 69 5.28 -19.83 3.31
CA LYS C 69 3.87 -19.45 3.40
C LYS C 69 3.06 -19.99 2.23
N LYS C 70 3.63 -19.94 1.03
CA LYS C 70 2.94 -20.50 -0.14
C LYS C 70 2.72 -22.00 0.01
N SER C 71 3.72 -22.72 0.48
CA SER C 71 3.58 -24.16 0.68
C SER C 71 2.53 -24.46 1.75
N ALA C 72 2.52 -23.68 2.84
CA ALA C 72 1.51 -23.85 3.87
C ALA C 72 0.12 -23.48 3.37
N ALA C 73 0.01 -22.49 2.50
CA ALA C 73 -1.27 -22.12 1.91
C ALA C 73 -1.67 -22.99 0.74
N GLU C 74 -0.75 -23.79 0.19
CA GLU C 74 -1.08 -24.73 -0.87
C GLU C 74 -1.82 -25.96 -0.36
N SER C 75 -1.57 -26.36 0.89
CA SER C 75 -2.20 -27.55 1.45
C SER C 75 -3.66 -27.34 1.81
N MET C 76 -4.18 -26.12 1.68
CA MET C 76 -5.55 -25.80 2.07
C MET C 76 -6.52 -25.83 0.91
N LEU C 77 -6.07 -26.23 -0.28
CA LEU C 77 -6.92 -26.27 -1.46
C LEU C 77 -6.29 -27.18 -2.49
N ASP C 78 -6.98 -27.37 -3.61
CA ASP C 78 -6.48 -28.15 -4.73
C ASP C 78 -6.32 -27.24 -5.95
N ILE C 79 -5.52 -27.68 -6.90
CA ILE C 79 -5.22 -26.89 -8.09
C ILE C 79 -6.02 -27.34 -9.30
N ALA C 80 -6.09 -28.65 -9.53
CA ALA C 80 -6.71 -29.16 -10.75
C ALA C 80 -8.15 -28.72 -10.88
N LEU C 81 -8.85 -28.57 -9.75
CA LEU C 81 -10.25 -28.16 -9.81
C LEU C 81 -10.39 -26.68 -10.16
N LEU C 82 -9.55 -25.83 -9.57
CA LEU C 82 -9.63 -24.40 -9.84
C LEU C 82 -9.30 -24.07 -11.29
N MET C 83 -8.23 -24.68 -11.82
CA MET C 83 -7.89 -24.46 -13.22
C MET C 83 -8.99 -24.98 -14.13
N ALA C 84 -9.60 -26.11 -13.78
CA ALA C 84 -10.74 -26.61 -14.55
C ALA C 84 -11.90 -25.64 -14.51
N ASN C 85 -12.21 -25.09 -13.33
CA ASN C 85 -13.30 -24.12 -13.22
C ASN C 85 -12.99 -22.85 -14.00
N ALA C 86 -11.75 -22.35 -13.91
CA ALA C 86 -11.38 -21.14 -14.64
C ALA C 86 -11.37 -21.38 -16.14
N SER C 87 -10.90 -22.56 -16.56
CA SER C 87 -10.85 -22.85 -18.00
C SER C 87 -12.25 -22.91 -18.60
N GLN C 88 -13.19 -23.56 -17.91
CA GLN C 88 -14.55 -23.64 -18.44
C GLN C 88 -15.29 -22.31 -18.26
N LEU C 89 -14.92 -21.52 -17.26
CA LEU C 89 -15.51 -20.18 -17.13
C LEU C 89 -15.13 -19.31 -18.31
N LYS C 90 -13.86 -19.37 -18.74
CA LYS C 90 -13.44 -18.61 -19.91
C LYS C 90 -14.14 -19.09 -21.17
N ALA C 91 -14.33 -20.40 -21.29
CA ALA C 91 -14.95 -20.95 -22.49
C ALA C 91 -16.41 -20.50 -22.62
N VAL C 92 -17.16 -20.56 -21.52
CA VAL C 92 -18.57 -20.18 -21.57
C VAL C 92 -18.72 -18.67 -21.75
N VAL C 93 -17.84 -17.88 -21.12
CA VAL C 93 -17.91 -16.43 -21.24
C VAL C 93 -17.59 -16.00 -22.67
N GLU C 94 -16.54 -16.57 -23.25
CA GLU C 94 -16.12 -16.16 -24.60
C GLU C 94 -17.18 -16.53 -25.62
N GLN C 95 -17.83 -17.69 -25.45
CA GLN C 95 -18.82 -18.13 -26.42
C GLN C 95 -20.02 -17.19 -26.48
N GLY C 96 -20.49 -16.72 -25.33
CA GLY C 96 -21.57 -15.75 -25.29
C GLY C 96 -22.86 -16.33 -24.78
N PRO C 97 -23.83 -15.47 -24.49
CA PRO C 97 -25.13 -15.94 -23.98
C PRO C 97 -25.96 -16.71 -25.00
N SER C 98 -25.58 -16.68 -26.28
CA SER C 98 -26.35 -17.40 -27.28
C SER C 98 -26.35 -18.91 -27.03
N PHE C 99 -25.21 -19.44 -26.62
CA PHE C 99 -25.12 -20.87 -26.31
C PHE C 99 -25.91 -21.17 -25.04
N ALA C 100 -26.74 -22.21 -25.11
CA ALA C 100 -27.68 -22.49 -24.03
C ALA C 100 -26.95 -22.85 -22.74
N PHE C 101 -27.73 -22.94 -21.66
CA PHE C 101 -27.22 -23.18 -20.30
C PHE C 101 -26.17 -22.15 -19.89
N TYR C 102 -26.16 -20.97 -20.52
CA TYR C 102 -25.17 -19.96 -20.19
C TYR C 102 -25.37 -19.43 -18.78
N VAL C 103 -26.59 -19.02 -18.46
CA VAL C 103 -26.90 -18.43 -17.16
C VAL C 103 -26.66 -19.44 -16.03
N PRO C 104 -27.18 -20.67 -16.10
CA PRO C 104 -26.87 -21.63 -15.01
C PRO C 104 -25.39 -21.93 -14.86
N LEU C 105 -24.65 -21.97 -15.98
CA LEU C 105 -23.22 -22.27 -15.91
C LEU C 105 -22.47 -21.18 -15.16
N VAL C 106 -22.81 -19.91 -15.42
CA VAL C 106 -22.09 -18.80 -14.80
C VAL C 106 -22.34 -18.78 -13.29
N VAL C 107 -23.59 -18.93 -12.88
CA VAL C 107 -23.92 -18.84 -11.46
C VAL C 107 -23.37 -20.03 -10.69
N LEU C 108 -23.47 -21.23 -11.25
CA LEU C 108 -22.94 -22.41 -10.56
C LEU C 108 -21.43 -22.31 -10.37
N ILE C 109 -20.71 -21.85 -11.40
CA ILE C 109 -19.27 -21.66 -11.25
C ILE C 109 -18.98 -20.54 -10.25
N SER C 110 -19.81 -19.50 -10.26
CA SER C 110 -19.58 -18.37 -9.37
C SER C 110 -19.74 -18.77 -7.91
N ILE C 111 -20.83 -19.46 -7.58
CA ILE C 111 -21.04 -19.88 -6.19
C ILE C 111 -20.04 -20.95 -5.81
N SER C 112 -19.62 -21.79 -6.77
CA SER C 112 -18.62 -22.81 -6.48
C SER C 112 -17.30 -22.17 -6.07
N LEU C 113 -16.87 -21.15 -6.82
CA LEU C 113 -15.61 -20.48 -6.51
C LEU C 113 -15.68 -19.75 -5.17
N VAL C 114 -16.84 -19.19 -4.85
CA VAL C 114 -17.00 -18.47 -3.58
C VAL C 114 -16.82 -19.42 -2.40
N LEU C 115 -17.41 -20.61 -2.48
CA LEU C 115 -17.31 -21.57 -1.39
C LEU C 115 -15.87 -22.06 -1.20
N GLN C 116 -15.14 -22.27 -2.31
CA GLN C 116 -13.78 -22.77 -2.19
C GLN C 116 -12.88 -21.80 -1.43
N ILE C 117 -13.03 -20.50 -1.69
CA ILE C 117 -12.30 -19.50 -0.92
C ILE C 117 -12.72 -19.55 0.55
N GLY C 118 -14.03 -19.67 0.80
CA GLY C 118 -14.50 -19.84 2.16
C GLY C 118 -13.98 -21.10 2.81
N VAL C 119 -13.95 -22.20 2.06
CA VAL C 119 -13.38 -23.43 2.57
C VAL C 119 -11.89 -23.27 2.84
N GLY C 120 -11.18 -22.64 1.90
CA GLY C 120 -9.74 -22.46 2.08
C GLY C 120 -9.42 -21.59 3.29
N VAL C 121 -10.15 -20.48 3.44
CA VAL C 121 -9.97 -19.62 4.61
C VAL C 121 -10.34 -20.38 5.88
N LEU C 122 -11.39 -21.20 5.80
CA LEU C 122 -11.79 -22.02 6.95
C LEU C 122 -10.67 -22.97 7.34
N LEU C 123 -10.04 -23.62 6.36
CA LEU C 123 -9.01 -24.61 6.67
C LEU C 123 -7.74 -23.95 7.21
N ILE C 124 -7.45 -22.73 6.77
CA ILE C 124 -6.26 -22.03 7.25
C ILE C 124 -6.36 -21.78 8.76
N PHE C 125 -7.52 -21.32 9.22
CA PHE C 125 -7.71 -20.99 10.62
C PHE C 125 -8.13 -22.18 11.47
N LEU C 126 -8.28 -23.36 10.86
CA LEU C 126 -8.75 -24.54 11.59
C LEU C 126 -7.62 -25.42 12.07
N VAL C 127 -6.65 -25.73 11.19
CA VAL C 127 -5.54 -26.60 11.58
C VAL C 127 -4.68 -25.95 12.64
N LYS C 128 -4.75 -24.63 12.77
CA LYS C 128 -3.95 -23.94 13.78
C LYS C 128 -4.45 -24.29 15.18
N TYR C 129 -5.75 -24.42 15.36
CA TYR C 129 -6.31 -24.86 16.63
C TYR C 129 -5.98 -26.31 16.95
N ASP C 130 -5.63 -27.10 15.93
CA ASP C 130 -5.29 -28.50 16.16
C ASP C 130 -3.97 -28.66 16.92
N LEU C 131 -3.14 -27.62 16.97
CA LEU C 131 -1.85 -27.69 17.62
C LEU C 131 -1.72 -26.70 18.77
N ASN C 132 -2.14 -25.45 18.57
CA ASN C 132 -1.93 -24.42 19.59
C ASN C 132 -2.78 -24.68 20.83
N ASN C 133 -4.07 -24.95 20.63
CA ASN C 133 -5.00 -25.14 21.75
C ASN C 133 -6.09 -26.11 21.34
N PRO C 134 -5.92 -27.39 21.63
CA PRO C 134 -6.96 -28.38 21.35
C PRO C 134 -7.98 -28.59 22.46
N ALA C 135 -8.04 -27.68 23.46
CA ALA C 135 -8.94 -27.88 24.58
C ALA C 135 -10.41 -27.87 24.14
N LYS C 136 -10.77 -26.94 23.26
CA LYS C 136 -12.15 -26.81 22.79
C LYS C 136 -12.42 -27.91 21.77
N HIS C 137 -12.56 -29.14 22.28
CA HIS C 137 -12.83 -30.27 21.40
C HIS C 137 -14.21 -30.17 20.75
N ALA C 138 -15.22 -29.74 21.51
CA ALA C 138 -16.57 -29.66 20.98
C ALA C 138 -16.66 -28.63 19.86
N LYS C 139 -16.07 -27.45 20.05
CA LYS C 139 -16.10 -26.43 19.02
C LYS C 139 -15.31 -26.84 17.80
N LEU C 140 -14.15 -27.48 18.01
CA LEU C 140 -13.33 -27.94 16.90
C LEU C 140 -14.05 -29.03 16.09
N ASP C 141 -14.75 -29.92 16.79
CA ASP C 141 -15.48 -30.99 16.10
C ASP C 141 -16.56 -30.41 15.21
N PHE C 142 -17.31 -29.41 15.71
CA PHE C 142 -18.35 -28.79 14.90
C PHE C 142 -17.77 -28.08 13.69
N LEU C 143 -16.61 -27.42 13.87
CA LEU C 143 -15.97 -26.73 12.76
C LEU C 143 -15.56 -27.70 11.66
N ASN C 144 -15.06 -28.88 12.04
CA ASN C 144 -14.69 -29.88 11.05
C ASN C 144 -15.90 -30.34 10.24
N ASN C 145 -17.04 -30.53 10.91
CA ASN C 145 -18.25 -30.95 10.20
C ASN C 145 -18.71 -29.87 9.23
N LEU C 146 -18.62 -28.60 9.63
CA LEU C 146 -18.97 -27.51 8.73
C LEU C 146 -18.05 -27.49 7.52
N ALA C 147 -16.74 -27.68 7.73
CA ALA C 147 -15.80 -27.77 6.63
C ALA C 147 -16.10 -28.97 5.75
N THR C 148 -16.39 -30.12 6.38
CA THR C 148 -16.78 -31.30 5.61
C THR C 148 -18.07 -31.07 4.85
N GLY C 149 -19.04 -30.42 5.49
CA GLY C 149 -20.29 -30.10 4.81
C GLY C 149 -20.10 -29.12 3.67
N LEU C 150 -19.23 -28.13 3.86
CA LEU C 150 -18.96 -27.16 2.80
C LEU C 150 -18.31 -27.83 1.60
N VAL C 151 -17.41 -28.78 1.84
CA VAL C 151 -16.82 -29.53 0.73
C VAL C 151 -17.88 -30.38 0.04
N PHE C 152 -18.84 -30.91 0.80
CA PHE C 152 -19.86 -31.78 0.22
C PHE C 152 -20.69 -31.05 -0.83
N ILE C 153 -21.12 -29.82 -0.51
CA ILE C 153 -21.91 -29.07 -1.48
C ILE C 153 -21.03 -28.65 -2.66
N ILE C 154 -19.73 -28.38 -2.41
CA ILE C 154 -18.83 -28.01 -3.49
C ILE C 154 -18.73 -29.13 -4.52
N VAL C 155 -18.55 -30.37 -4.06
CA VAL C 155 -18.42 -31.49 -4.99
C VAL C 155 -19.74 -31.79 -5.67
N VAL C 156 -20.87 -31.54 -4.99
CA VAL C 156 -22.17 -31.71 -5.62
C VAL C 156 -22.36 -30.67 -6.72
N VAL C 157 -21.99 -29.42 -6.44
CA VAL C 157 -22.09 -28.36 -7.45
C VAL C 157 -21.20 -28.67 -8.64
N ASN C 158 -19.96 -29.09 -8.38
CA ASN C 158 -19.02 -29.37 -9.47
C ASN C 158 -19.48 -30.53 -10.34
N ILE C 159 -20.27 -31.46 -9.78
CA ILE C 159 -20.83 -32.54 -10.57
C ILE C 159 -21.76 -31.98 -11.65
N PHE C 160 -22.58 -31.00 -11.27
CA PHE C 160 -23.51 -30.41 -12.22
C PHE C 160 -22.80 -29.59 -13.29
N ILE C 161 -21.70 -28.91 -12.93
CA ILE C 161 -20.96 -28.14 -13.92
C ILE C 161 -20.41 -29.06 -15.00
N THR C 162 -19.83 -30.19 -14.60
CA THR C 162 -19.34 -31.15 -15.59
C THR C 162 -20.48 -31.74 -16.40
N ALA C 163 -21.61 -32.02 -15.75
CA ALA C 163 -22.74 -32.62 -16.46
C ALA C 163 -23.31 -31.68 -17.51
N PHE C 164 -23.41 -30.39 -17.19
CA PHE C 164 -23.96 -29.41 -18.13
C PHE C 164 -22.88 -28.84 -19.03
N ASN D 64 -40.80 -13.70 18.85
CA ASN D 64 -40.13 -13.94 17.57
C ASN D 64 -38.61 -13.95 17.74
N HIS D 65 -37.98 -15.02 17.26
CA HIS D 65 -36.52 -15.15 17.37
C HIS D 65 -35.79 -14.62 16.14
N TYR D 66 -36.41 -14.69 14.96
CA TYR D 66 -35.77 -14.17 13.76
C TYR D 66 -35.65 -12.66 13.82
N ALA D 67 -36.64 -11.98 14.40
CA ALA D 67 -36.57 -10.52 14.54
C ALA D 67 -35.40 -10.12 15.43
N SER D 68 -35.17 -10.86 16.51
CA SER D 68 -34.03 -10.56 17.37
C SER D 68 -32.71 -10.73 16.63
N LYS D 69 -32.60 -11.79 15.82
CA LYS D 69 -31.39 -11.98 15.02
C LYS D 69 -31.22 -10.87 14.00
N LYS D 70 -32.32 -10.43 13.38
CA LYS D 70 -32.25 -9.35 12.40
C LYS D 70 -31.76 -8.05 13.03
N SER D 71 -32.25 -7.74 14.23
CA SER D 71 -31.81 -6.52 14.91
C SER D 71 -30.33 -6.59 15.26
N ALA D 72 -29.86 -7.73 15.75
CA ALA D 72 -28.45 -7.87 16.08
C ALA D 72 -27.57 -7.94 14.84
N ALA D 73 -28.12 -8.40 13.71
CA ALA D 73 -27.36 -8.45 12.47
C ALA D 73 -27.35 -7.11 11.72
N GLU D 74 -28.36 -6.26 11.94
CA GLU D 74 -28.36 -4.93 11.34
C GLU D 74 -27.46 -3.96 12.09
N SER D 75 -27.07 -4.30 13.32
CA SER D 75 -26.15 -3.47 14.08
C SER D 75 -24.69 -3.72 13.73
N MET D 76 -24.42 -4.69 12.87
CA MET D 76 -23.06 -5.06 12.51
C MET D 76 -22.58 -4.38 11.24
N LEU D 77 -23.38 -3.46 10.68
CA LEU D 77 -23.05 -2.80 9.43
C LEU D 77 -23.87 -1.52 9.35
N ASP D 78 -23.60 -0.73 8.30
CA ASP D 78 -24.37 0.47 8.02
C ASP D 78 -25.38 0.18 6.92
N ILE D 79 -26.52 0.87 6.97
CA ILE D 79 -27.64 0.59 6.09
C ILE D 79 -27.74 1.60 4.95
N ALA D 80 -27.66 2.90 5.26
CA ALA D 80 -27.92 3.92 4.26
C ALA D 80 -26.93 3.87 3.11
N LEU D 81 -25.68 3.48 3.40
CA LEU D 81 -24.67 3.39 2.36
C LEU D 81 -24.98 2.24 1.40
N LEU D 82 -25.65 1.19 1.88
CA LEU D 82 -25.83 0.00 1.05
C LEU D 82 -26.74 0.28 -0.15
N MET D 83 -27.90 0.89 0.06
CA MET D 83 -28.69 1.30 -1.11
C MET D 83 -28.00 2.41 -1.88
N ALA D 84 -27.20 3.23 -1.20
CA ALA D 84 -26.41 4.23 -1.92
C ALA D 84 -25.44 3.55 -2.89
N ASN D 85 -24.77 2.50 -2.44
CA ASN D 85 -23.93 1.71 -3.34
C ASN D 85 -24.79 0.99 -4.38
N ALA D 86 -25.94 0.45 -3.96
CA ALA D 86 -26.77 -0.32 -4.88
C ALA D 86 -27.42 0.57 -5.93
N SER D 87 -27.85 1.78 -5.54
CA SER D 87 -28.55 2.65 -6.48
C SER D 87 -27.63 3.08 -7.61
N GLN D 88 -26.38 3.42 -7.30
CA GLN D 88 -25.45 3.82 -8.35
C GLN D 88 -24.98 2.62 -9.17
N LEU D 89 -24.92 1.43 -8.56
CA LEU D 89 -24.57 0.23 -9.29
C LEU D 89 -25.61 -0.07 -10.36
N LYS D 90 -26.90 0.08 -10.02
CA LYS D 90 -27.94 -0.09 -11.02
C LYS D 90 -27.85 0.99 -12.09
N ALA D 91 -27.57 2.23 -11.69
CA ALA D 91 -27.50 3.33 -12.66
C ALA D 91 -26.35 3.14 -13.63
N VAL D 92 -25.17 2.77 -13.13
CA VAL D 92 -24.01 2.63 -14.00
C VAL D 92 -24.18 1.42 -14.93
N VAL D 93 -24.81 0.35 -14.43
CA VAL D 93 -25.03 -0.82 -15.26
C VAL D 93 -26.08 -0.54 -16.32
N GLU D 94 -27.17 0.14 -15.95
CA GLU D 94 -28.25 0.40 -16.89
C GLU D 94 -27.83 1.41 -17.96
N GLN D 95 -26.99 2.38 -17.60
CA GLN D 95 -26.64 3.44 -18.54
C GLN D 95 -25.78 2.91 -19.69
N GLY D 96 -24.93 1.92 -19.41
CA GLY D 96 -24.17 1.27 -20.46
C GLY D 96 -22.68 1.56 -20.40
N PRO D 97 -21.88 0.68 -20.99
CA PRO D 97 -20.42 0.90 -21.01
C PRO D 97 -19.97 2.12 -21.79
N SER D 98 -20.81 2.65 -22.69
CA SER D 98 -20.43 3.83 -23.46
C SER D 98 -20.22 5.03 -22.56
N PHE D 99 -20.92 5.08 -21.43
CA PHE D 99 -20.76 6.17 -20.48
C PHE D 99 -19.37 6.13 -19.86
N ALA D 100 -18.72 7.29 -19.81
CA ALA D 100 -17.33 7.36 -19.39
C ALA D 100 -17.19 6.97 -17.91
N PHE D 101 -15.99 6.51 -17.56
CA PHE D 101 -15.68 6.05 -16.20
C PHE D 101 -16.57 4.87 -15.77
N TYR D 102 -17.13 4.14 -16.73
CA TYR D 102 -17.96 2.99 -16.40
C TYR D 102 -17.16 1.92 -15.68
N VAL D 103 -16.04 1.52 -16.26
CA VAL D 103 -15.22 0.42 -15.75
C VAL D 103 -14.66 0.72 -14.35
N PRO D 104 -14.05 1.88 -14.09
CA PRO D 104 -13.58 2.14 -12.73
C PRO D 104 -14.71 2.15 -11.70
N LEU D 105 -15.93 2.49 -12.13
CA LEU D 105 -17.04 2.55 -11.19
C LEU D 105 -17.45 1.15 -10.73
N VAL D 106 -17.52 0.19 -11.65
CA VAL D 106 -17.97 -1.15 -11.31
C VAL D 106 -17.00 -1.82 -10.34
N VAL D 107 -15.70 -1.70 -10.61
CA VAL D 107 -14.70 -2.33 -9.76
C VAL D 107 -14.66 -1.67 -8.38
N LEU D 108 -14.80 -0.33 -8.35
CA LEU D 108 -14.77 0.38 -7.08
C LEU D 108 -15.96 -0.02 -6.21
N ILE D 109 -17.14 -0.14 -6.82
CA ILE D 109 -18.32 -0.57 -6.07
C ILE D 109 -18.17 -2.03 -5.64
N SER D 110 -17.63 -2.87 -6.52
CA SER D 110 -17.52 -4.30 -6.24
C SER D 110 -16.59 -4.55 -5.06
N ILE D 111 -15.44 -3.89 -5.03
CA ILE D 111 -14.50 -4.11 -3.94
C ILE D 111 -15.05 -3.60 -2.61
N SER D 112 -15.78 -2.48 -2.65
CA SER D 112 -16.39 -1.97 -1.43
C SER D 112 -17.44 -2.94 -0.89
N LEU D 113 -18.28 -3.48 -1.77
CA LEU D 113 -19.31 -4.42 -1.33
C LEU D 113 -18.69 -5.66 -0.72
N VAL D 114 -17.60 -6.17 -1.31
CA VAL D 114 -16.92 -7.34 -0.76
C VAL D 114 -16.36 -7.03 0.62
N LEU D 115 -15.75 -5.85 0.77
CA LEU D 115 -15.11 -5.51 2.03
C LEU D 115 -16.13 -5.26 3.14
N GLN D 116 -17.29 -4.69 2.80
CA GLN D 116 -18.34 -4.51 3.79
C GLN D 116 -18.83 -5.85 4.33
N ILE D 117 -18.97 -6.84 3.45
CA ILE D 117 -19.35 -8.18 3.91
C ILE D 117 -18.28 -8.75 4.83
N GLY D 118 -17.00 -8.57 4.47
CA GLY D 118 -15.93 -9.03 5.34
C GLY D 118 -15.91 -8.31 6.67
N VAL D 119 -16.13 -6.99 6.66
CA VAL D 119 -16.18 -6.23 7.90
C VAL D 119 -17.37 -6.68 8.75
N GLY D 120 -18.54 -6.84 8.12
CA GLY D 120 -19.70 -7.28 8.86
C GLY D 120 -19.51 -8.64 9.49
N VAL D 121 -18.96 -9.59 8.73
CA VAL D 121 -18.65 -10.91 9.26
C VAL D 121 -17.65 -10.80 10.41
N LEU D 122 -16.65 -9.93 10.25
CA LEU D 122 -15.69 -9.72 11.32
C LEU D 122 -16.36 -9.15 12.56
N LEU D 123 -17.30 -8.21 12.38
CA LEU D 123 -17.96 -7.60 13.53
C LEU D 123 -18.89 -8.58 14.23
N ILE D 124 -19.50 -9.50 13.47
CA ILE D 124 -20.39 -10.48 14.08
C ILE D 124 -19.64 -11.36 15.07
N PHE D 125 -18.46 -11.84 14.67
CA PHE D 125 -17.69 -12.76 15.49
C PHE D 125 -16.84 -12.05 16.55
N LEU D 126 -16.81 -10.73 16.55
CA LEU D 126 -15.94 -9.99 17.46
C LEU D 126 -16.64 -9.62 18.76
N VAL D 127 -17.88 -9.14 18.70
CA VAL D 127 -18.57 -8.72 19.91
C VAL D 127 -18.83 -9.89 20.83
N LYS D 128 -18.86 -11.11 20.30
CA LYS D 128 -19.04 -12.29 21.14
C LYS D 128 -17.89 -12.45 22.12
N TYR D 129 -16.66 -12.18 21.66
CA TYR D 129 -15.50 -12.27 22.54
C TYR D 129 -15.48 -11.15 23.57
N ASP D 130 -16.17 -10.04 23.31
CA ASP D 130 -16.19 -8.92 24.25
C ASP D 130 -16.91 -9.27 25.54
N LEU D 131 -17.77 -10.28 25.53
CA LEU D 131 -18.55 -10.67 26.72
C LEU D 131 -18.23 -12.08 27.18
N ASN D 132 -18.13 -13.04 26.25
CA ASN D 132 -17.95 -14.43 26.65
C ASN D 132 -16.57 -14.66 27.26
N ASN D 133 -15.52 -14.17 26.62
CA ASN D 133 -14.15 -14.42 27.08
C ASN D 133 -13.25 -13.29 26.61
N PRO D 134 -13.05 -12.27 27.45
CA PRO D 134 -12.13 -11.17 27.10
C PRO D 134 -10.68 -11.39 27.54
N ALA D 135 -10.31 -12.61 27.94
CA ALA D 135 -8.96 -12.83 28.45
C ALA D 135 -7.89 -12.55 27.40
N LYS D 136 -8.13 -12.97 26.16
CA LYS D 136 -7.16 -12.77 25.08
C LYS D 136 -7.22 -11.31 24.64
N HIS D 137 -6.66 -10.44 25.49
CA HIS D 137 -6.70 -9.00 25.20
C HIS D 137 -5.87 -8.66 23.98
N ALA D 138 -4.68 -9.26 23.85
CA ALA D 138 -3.79 -8.93 22.73
C ALA D 138 -4.42 -9.30 21.40
N LYS D 139 -5.03 -10.50 21.32
CA LYS D 139 -5.67 -10.91 20.07
C LYS D 139 -6.91 -10.09 19.80
N LEU D 140 -7.69 -9.77 20.84
CA LEU D 140 -8.87 -8.95 20.66
C LEU D 140 -8.51 -7.53 20.25
N ASP D 141 -7.44 -6.98 20.82
CA ASP D 141 -7.02 -5.62 20.49
C ASP D 141 -6.61 -5.52 19.02
N PHE D 142 -5.88 -6.51 18.52
CA PHE D 142 -5.45 -6.48 17.12
C PHE D 142 -6.64 -6.62 16.18
N LEU D 143 -7.65 -7.40 16.57
CA LEU D 143 -8.82 -7.55 15.72
C LEU D 143 -9.57 -6.23 15.57
N ASN D 144 -9.63 -5.44 16.65
CA ASN D 144 -10.24 -4.12 16.55
C ASN D 144 -9.49 -3.22 15.58
N ASN D 145 -8.16 -3.27 15.62
CA ASN D 145 -7.36 -2.47 14.68
C ASN D 145 -7.58 -2.91 13.24
N LEU D 146 -7.68 -4.22 13.01
CA LEU D 146 -7.95 -4.70 11.65
C LEU D 146 -9.32 -4.26 11.17
N ALA D 147 -10.32 -4.31 12.06
CA ALA D 147 -11.65 -3.83 11.69
C ALA D 147 -11.63 -2.33 11.39
N THR D 148 -10.92 -1.56 12.22
CA THR D 148 -10.81 -0.13 11.97
C THR D 148 -10.08 0.15 10.65
N GLY D 149 -9.02 -0.61 10.37
CA GLY D 149 -8.30 -0.41 9.13
C GLY D 149 -9.11 -0.79 7.91
N LEU D 150 -9.90 -1.87 8.01
CA LEU D 150 -10.74 -2.27 6.89
C LEU D 150 -11.81 -1.23 6.59
N VAL D 151 -12.44 -0.69 7.64
CA VAL D 151 -13.43 0.37 7.44
C VAL D 151 -12.76 1.62 6.88
N PHE D 152 -11.52 1.90 7.29
CA PHE D 152 -10.80 3.05 6.77
C PHE D 152 -10.66 2.97 5.25
N ILE D 153 -10.43 1.77 4.72
CA ILE D 153 -10.39 1.58 3.28
C ILE D 153 -11.76 1.82 2.67
N ILE D 154 -12.83 1.44 3.39
CA ILE D 154 -14.18 1.62 2.87
C ILE D 154 -14.50 3.10 2.67
N VAL D 155 -14.14 3.95 3.64
CA VAL D 155 -14.45 5.36 3.53
C VAL D 155 -13.60 6.01 2.43
N VAL D 156 -12.38 5.53 2.22
CA VAL D 156 -11.54 6.09 1.16
C VAL D 156 -12.12 5.73 -0.22
N VAL D 157 -12.54 4.47 -0.39
CA VAL D 157 -13.07 4.04 -1.68
C VAL D 157 -14.37 4.77 -1.99
N ASN D 158 -15.27 4.88 -1.00
CA ASN D 158 -16.56 5.52 -1.23
C ASN D 158 -16.43 6.97 -1.61
N ILE D 159 -15.33 7.63 -1.20
CA ILE D 159 -15.09 9.00 -1.61
C ILE D 159 -14.92 9.09 -3.12
N PHE D 160 -14.26 8.08 -3.70
CA PHE D 160 -13.98 8.12 -5.13
C PHE D 160 -15.21 7.82 -5.98
N ILE D 161 -16.06 6.89 -5.55
CA ILE D 161 -17.29 6.65 -6.29
C ILE D 161 -18.19 7.89 -6.26
N THR D 162 -18.24 8.57 -5.13
CA THR D 162 -19.00 9.81 -5.05
C THR D 162 -18.43 10.86 -5.99
N ALA D 163 -17.10 10.96 -6.06
CA ALA D 163 -16.48 11.96 -6.93
C ALA D 163 -16.64 11.60 -8.40
N PHE D 164 -16.40 10.34 -8.75
CA PHE D 164 -16.49 9.91 -10.14
C PHE D 164 -17.94 9.68 -10.58
N ASN E 64 -25.07 0.20 17.38
CA ASN E 64 -24.41 0.02 16.09
C ASN E 64 -22.91 -0.03 16.26
N HIS E 65 -22.30 -1.17 15.90
CA HIS E 65 -20.86 -1.34 16.03
C HIS E 65 -20.08 -0.80 14.84
N TYR E 66 -20.68 -0.82 13.65
CA TYR E 66 -20.00 -0.29 12.47
C TYR E 66 -19.85 1.23 12.56
N ALA E 67 -20.83 1.91 13.16
CA ALA E 67 -20.76 3.36 13.29
C ALA E 67 -19.58 3.77 14.16
N SER E 68 -19.33 3.02 15.24
CA SER E 68 -18.17 3.32 16.09
C SER E 68 -16.87 3.15 15.32
N LYS E 69 -16.79 2.09 14.49
CA LYS E 69 -15.59 1.89 13.68
C LYS E 69 -15.43 3.00 12.65
N LYS E 70 -16.53 3.44 12.03
CA LYS E 70 -16.45 4.49 11.04
C LYS E 70 -15.99 5.82 11.65
N SER E 71 -16.51 6.14 12.83
CA SER E 71 -16.10 7.37 13.50
C SER E 71 -14.63 7.30 13.89
N ALA E 72 -14.18 6.16 14.42
CA ALA E 72 -12.79 6.00 14.80
C ALA E 72 -11.85 5.93 13.60
N ALA E 73 -12.36 5.49 12.44
CA ALA E 73 -11.56 5.46 11.23
C ALA E 73 -11.58 6.77 10.46
N GLU E 74 -12.67 7.54 10.54
CA GLU E 74 -12.72 8.85 9.93
C GLU E 74 -11.93 9.88 10.70
N SER E 75 -11.64 9.62 11.98
CA SER E 75 -10.85 10.52 12.80
C SER E 75 -9.35 10.32 12.60
N MET E 76 -8.95 9.33 11.80
CA MET E 76 -7.54 9.05 11.55
C MET E 76 -7.06 9.63 10.22
N LEU E 77 -7.87 10.49 9.60
CA LEU E 77 -7.51 11.16 8.36
C LEU E 77 -8.36 12.41 8.23
N ASP E 78 -8.18 13.13 7.14
CA ASP E 78 -9.02 14.26 6.80
C ASP E 78 -9.84 13.96 5.56
N ILE E 79 -10.99 14.60 5.43
CA ILE E 79 -11.95 14.31 4.37
C ILE E 79 -11.84 15.31 3.22
N ALA E 80 -11.72 16.61 3.56
CA ALA E 80 -11.77 17.64 2.53
C ALA E 80 -10.63 17.48 1.51
N LEU E 81 -9.45 17.06 1.98
CA LEU E 81 -8.32 16.89 1.07
C LEU E 81 -8.54 15.71 0.12
N LEU E 82 -9.12 14.62 0.63
CA LEU E 82 -9.36 13.45 -0.21
C LEU E 82 -10.36 13.76 -1.32
N MET E 83 -11.44 14.48 -0.99
CA MET E 83 -12.38 14.91 -2.02
C MET E 83 -11.73 15.88 -2.99
N ALA E 84 -10.85 16.74 -2.48
CA ALA E 84 -10.13 17.66 -3.35
C ALA E 84 -9.24 16.92 -4.33
N ASN E 85 -8.53 15.89 -3.87
CA ASN E 85 -7.69 15.10 -4.76
C ASN E 85 -8.53 14.36 -5.80
N ALA E 86 -9.65 13.78 -5.38
CA ALA E 86 -10.47 12.99 -6.29
C ALA E 86 -11.18 13.87 -7.31
N SER E 87 -11.62 15.06 -6.89
CA SER E 87 -12.34 15.95 -7.80
C SER E 87 -11.44 16.40 -8.95
N GLN E 88 -10.20 16.79 -8.64
CA GLN E 88 -9.28 17.20 -9.69
C GLN E 88 -8.74 16.01 -10.48
N LEU E 89 -8.68 14.83 -9.84
CA LEU E 89 -8.27 13.63 -10.57
C LEU E 89 -9.24 13.31 -11.69
N LYS E 90 -10.54 13.42 -11.41
CA LYS E 90 -11.54 13.26 -12.48
C LYS E 90 -11.40 14.36 -13.52
N ALA E 91 -11.13 15.59 -13.08
CA ALA E 91 -11.02 16.71 -14.01
C ALA E 91 -9.87 16.53 -14.99
N VAL E 92 -8.69 16.14 -14.48
CA VAL E 92 -7.53 15.99 -15.35
C VAL E 92 -7.68 14.77 -16.25
N VAL E 93 -8.27 13.68 -15.74
CA VAL E 93 -8.42 12.48 -16.54
C VAL E 93 -9.43 12.69 -17.65
N GLU E 94 -10.58 13.30 -17.34
CA GLU E 94 -11.61 13.51 -18.35
C GLU E 94 -11.20 14.60 -19.34
N GLN E 95 -10.24 15.44 -18.97
CA GLN E 95 -9.88 16.57 -19.82
C GLN E 95 -9.07 16.13 -21.03
N GLY E 96 -8.31 15.04 -20.92
CA GLY E 96 -7.54 14.52 -22.02
C GLY E 96 -6.06 14.77 -21.87
N PRO E 97 -5.24 13.90 -22.46
CA PRO E 97 -3.79 14.06 -22.36
C PRO E 97 -3.24 15.23 -23.18
N SER E 98 -4.04 15.81 -24.09
CA SER E 98 -3.54 16.89 -24.93
C SER E 98 -3.19 18.12 -24.11
N PHE E 99 -3.99 18.42 -23.09
CA PHE E 99 -3.75 19.60 -22.27
C PHE E 99 -2.47 19.43 -21.45
N ALA E 100 -1.76 20.54 -21.24
CA ALA E 100 -0.45 20.50 -20.62
C ALA E 100 -0.55 20.10 -19.15
N PHE E 101 0.59 19.70 -18.60
CA PHE E 101 0.72 19.26 -17.21
C PHE E 101 -0.17 18.08 -16.88
N TYR E 102 -0.59 17.32 -17.89
CA TYR E 102 -1.42 16.15 -17.63
C TYR E 102 -0.65 15.08 -16.88
N VAL E 103 0.55 14.75 -17.37
CA VAL E 103 1.38 13.71 -16.76
C VAL E 103 1.83 14.08 -15.35
N PRO E 104 2.44 15.24 -15.10
CA PRO E 104 2.88 15.54 -13.72
C PRO E 104 1.73 15.55 -12.73
N LEU E 105 0.54 15.98 -13.15
CA LEU E 105 -0.61 15.99 -12.24
C LEU E 105 -1.06 14.58 -11.90
N VAL E 106 -1.03 13.67 -12.88
CA VAL E 106 -1.50 12.31 -12.64
C VAL E 106 -0.58 11.61 -11.64
N VAL E 107 0.72 11.71 -11.84
CA VAL E 107 1.67 11.05 -10.94
C VAL E 107 1.66 11.73 -9.56
N LEU E 108 1.53 13.06 -9.52
CA LEU E 108 1.53 13.77 -8.25
C LEU E 108 0.32 13.37 -7.41
N ILE E 109 -0.85 13.27 -8.03
CA ILE E 109 -2.04 12.84 -7.29
C ILE E 109 -1.90 11.38 -6.87
N SER E 110 -1.35 10.54 -7.75
CA SER E 110 -1.23 9.12 -7.45
C SER E 110 -0.32 8.87 -6.25
N ILE E 111 0.85 9.52 -6.22
CA ILE E 111 1.76 9.33 -5.10
C ILE E 111 1.18 9.97 -3.83
N SER E 112 0.48 11.10 -3.98
CA SER E 112 -0.12 11.74 -2.82
C SER E 112 -1.17 10.85 -2.17
N LEU E 113 -2.02 10.23 -2.99
CA LEU E 113 -3.06 9.36 -2.45
C LEU E 113 -2.46 8.13 -1.78
N VAL E 114 -1.40 7.57 -2.37
CA VAL E 114 -0.75 6.40 -1.78
C VAL E 114 -0.19 6.71 -0.40
N LEU E 115 0.44 7.87 -0.26
CA LEU E 115 1.02 8.25 1.04
C LEU E 115 -0.06 8.44 2.09
N GLN E 116 -1.20 9.02 1.72
CA GLN E 116 -2.27 9.27 2.68
C GLN E 116 -2.83 7.95 3.22
N ILE E 117 -2.94 6.94 2.36
CA ILE E 117 -3.36 5.62 2.83
C ILE E 117 -2.32 5.05 3.80
N GLY E 118 -1.04 5.19 3.46
CA GLY E 118 0.00 4.74 4.37
C GLY E 118 0.00 5.49 5.69
N VAL E 119 -0.23 6.80 5.64
CA VAL E 119 -0.32 7.58 6.87
C VAL E 119 -1.51 7.13 7.71
N GLY E 120 -2.66 6.93 7.07
CA GLY E 120 -3.83 6.48 7.80
C GLY E 120 -3.61 5.12 8.45
N VAL E 121 -3.02 4.19 7.71
CA VAL E 121 -2.69 2.88 8.27
C VAL E 121 -1.68 3.03 9.40
N LEU E 122 -0.71 3.92 9.21
CA LEU E 122 0.26 4.20 10.28
C LEU E 122 -0.43 4.75 11.51
N LEU E 123 -1.38 5.68 11.33
CA LEU E 123 -2.04 6.32 12.46
C LEU E 123 -2.98 5.36 13.19
N ILE E 124 -3.64 4.46 12.45
CA ILE E 124 -4.59 3.55 13.08
C ILE E 124 -3.88 2.65 14.08
N PHE E 125 -2.72 2.11 13.71
CA PHE E 125 -1.95 1.25 14.60
C PHE E 125 -1.16 2.06 15.62
N LEU E 126 -1.18 3.38 15.54
CA LEU E 126 -0.40 4.25 16.42
C LEU E 126 -1.15 4.65 17.68
N VAL E 127 -2.38 5.14 17.54
CA VAL E 127 -3.13 5.61 18.70
C VAL E 127 -3.44 4.46 19.66
N LYS E 128 -3.41 3.22 19.16
CA LYS E 128 -3.66 2.07 20.03
C LYS E 128 -2.56 1.91 21.07
N TYR E 129 -1.30 2.13 20.67
CA TYR E 129 -0.20 1.99 21.62
C TYR E 129 -0.15 3.11 22.64
N ASP E 130 -0.84 4.23 22.38
CA ASP E 130 -0.82 5.34 23.32
C ASP E 130 -1.56 5.01 24.61
N LEU E 131 -2.38 3.97 24.62
CA LEU E 131 -3.17 3.61 25.80
C LEU E 131 -2.84 2.23 26.33
N ASN E 132 -2.71 1.23 25.45
CA ASN E 132 -2.55 -0.15 25.91
C ASN E 132 -1.18 -0.36 26.53
N ASN E 133 -0.12 0.10 25.87
CA ASN E 133 1.25 -0.14 26.33
C ASN E 133 2.15 1.00 25.88
N PRO E 134 2.34 2.01 26.73
CA PRO E 134 3.27 3.10 26.40
C PRO E 134 4.70 2.90 26.87
N ALA E 135 5.07 1.67 27.27
CA ALA E 135 6.40 1.43 27.81
C ALA E 135 7.49 1.69 26.78
N LYS E 136 7.28 1.27 25.53
CA LYS E 136 8.26 1.46 24.47
C LYS E 136 8.21 2.91 24.01
N HIS E 137 8.76 3.80 24.87
CA HIS E 137 8.76 5.22 24.56
C HIS E 137 9.62 5.53 23.34
N ALA E 138 10.79 4.89 23.23
CA ALA E 138 11.70 5.18 22.12
C ALA E 138 11.06 4.82 20.78
N LYS E 139 10.45 3.63 20.70
CA LYS E 139 9.81 3.23 19.45
C LYS E 139 8.60 4.10 19.14
N LEU E 140 7.82 4.44 20.16
CA LEU E 140 6.65 5.29 19.94
C LEU E 140 7.05 6.69 19.50
N ASP E 141 8.10 7.25 20.12
CA ASP E 141 8.54 8.59 19.76
C ASP E 141 9.04 8.65 18.31
N PHE E 142 9.77 7.62 17.88
CA PHE E 142 10.21 7.58 16.49
C PHE E 142 9.03 7.42 15.54
N LEU E 143 8.06 6.59 15.92
CA LEU E 143 6.89 6.38 15.05
C LEU E 143 6.11 7.66 14.86
N ASN E 144 6.02 8.50 15.90
CA ASN E 144 5.40 9.81 15.73
C ASN E 144 6.16 10.66 14.72
N ASN E 145 7.49 10.61 14.77
CA ASN E 145 8.30 11.41 13.86
C ASN E 145 8.13 10.97 12.42
N LEU E 146 8.07 9.65 12.19
CA LEU E 146 7.87 9.14 10.83
C LEU E 146 6.53 9.57 10.28
N ALA E 147 5.48 9.53 11.10
CA ALA E 147 4.17 9.99 10.65
C ALA E 147 4.19 11.47 10.31
N THR E 148 4.89 12.28 11.12
CA THR E 148 4.99 13.70 10.84
C THR E 148 5.71 13.96 9.51
N GLY E 149 6.77 13.20 9.25
CA GLY E 149 7.49 13.37 8.00
C GLY E 149 6.67 12.98 6.79
N LEU E 150 5.91 11.89 6.89
CA LEU E 150 5.07 11.45 5.77
C LEU E 150 3.97 12.48 5.48
N VAL E 151 3.36 13.03 6.52
CA VAL E 151 2.38 14.10 6.31
C VAL E 151 3.05 15.33 5.73
N PHE E 152 4.28 15.60 6.15
CA PHE E 152 5.00 16.79 5.65
C PHE E 152 5.22 16.71 4.15
N ILE E 153 5.61 15.53 3.65
CA ILE E 153 5.85 15.41 2.21
C ILE E 153 4.53 15.38 1.44
N ILE E 154 3.43 15.05 2.12
CA ILE E 154 2.13 15.09 1.46
C ILE E 154 1.71 16.53 1.19
N VAL E 155 1.88 17.42 2.17
CA VAL E 155 1.48 18.80 1.98
C VAL E 155 2.38 19.50 0.97
N VAL E 156 3.64 19.06 0.85
CA VAL E 156 4.52 19.63 -0.16
C VAL E 156 4.04 19.26 -1.56
N VAL E 157 3.65 18.00 -1.75
CA VAL E 157 3.12 17.57 -3.04
C VAL E 157 1.79 18.28 -3.33
N ASN E 158 0.92 18.38 -2.32
CA ASN E 158 -0.36 19.06 -2.50
C ASN E 158 -0.17 20.52 -2.88
N ILE E 159 0.88 21.16 -2.38
CA ILE E 159 1.16 22.54 -2.78
C ILE E 159 1.40 22.64 -4.28
N PHE E 160 2.14 21.66 -4.82
CA PHE E 160 2.45 21.67 -6.24
C PHE E 160 1.24 21.28 -7.09
N ILE E 161 0.35 20.43 -6.55
CA ILE E 161 -0.82 20.00 -7.32
C ILE E 161 -1.73 21.18 -7.62
N THR E 162 -2.03 21.99 -6.60
CA THR E 162 -2.89 23.14 -6.81
C THR E 162 -2.22 24.17 -7.72
N ALA E 163 -0.90 24.35 -7.58
CA ALA E 163 -0.19 25.31 -8.40
C ALA E 163 -0.23 24.92 -9.88
N PHE E 164 -0.04 23.65 -10.19
CA PHE E 164 -0.03 23.19 -11.57
C PHE E 164 -1.46 22.92 -12.06
N ASN F 64 -9.49 14.54 15.83
CA ASN F 64 -8.80 14.19 14.60
C ASN F 64 -7.29 14.14 14.83
N HIS F 65 -6.67 13.01 14.48
CA HIS F 65 -5.24 12.81 14.69
C HIS F 65 -4.40 13.27 13.50
N TYR F 66 -4.93 13.16 12.29
CA TYR F 66 -4.19 13.61 11.11
C TYR F 66 -4.01 15.13 11.13
N ALA F 67 -5.03 15.86 11.60
CA ALA F 67 -4.90 17.31 11.69
C ALA F 67 -3.81 17.72 12.67
N SER F 68 -3.69 17.00 13.79
CA SER F 68 -2.61 17.28 14.73
C SER F 68 -1.25 17.04 14.10
N LYS F 69 -1.11 15.96 13.32
CA LYS F 69 0.12 15.71 12.59
C LYS F 69 0.35 16.80 11.53
N LYS F 70 -0.72 17.21 10.85
CA LYS F 70 -0.59 18.25 9.83
C LYS F 70 -0.14 19.57 10.45
N SER F 71 -0.69 19.92 11.61
CA SER F 71 -0.30 21.17 12.26
C SER F 71 1.17 21.15 12.66
N ALA F 72 1.64 20.01 13.18
CA ALA F 72 3.04 19.89 13.56
C ALA F 72 3.95 19.72 12.36
N ALA F 73 3.40 19.36 11.20
CA ALA F 73 4.19 19.24 9.98
C ALA F 73 4.33 20.54 9.22
N GLU F 74 3.32 21.42 9.28
CA GLU F 74 3.44 22.73 8.66
C GLU F 74 4.23 23.71 9.52
N SER F 75 4.47 23.39 10.79
CA SER F 75 5.25 24.24 11.67
C SER F 75 6.75 24.13 11.42
N MET F 76 7.18 23.17 10.60
CA MET F 76 8.59 22.98 10.29
C MET F 76 8.99 23.59 8.95
N LEU F 77 8.13 24.40 8.35
CA LEU F 77 8.43 25.06 7.09
C LEU F 77 7.50 26.25 6.92
N ASP F 78 7.68 26.98 5.83
CA ASP F 78 6.78 28.06 5.45
C ASP F 78 6.00 27.66 4.20
N ILE F 79 4.85 28.29 4.00
CA ILE F 79 3.95 27.93 2.90
C ILE F 79 4.11 28.87 1.71
N ALA F 80 4.31 30.17 1.98
CA ALA F 80 4.31 31.16 0.89
C ALA F 80 5.46 30.93 -0.08
N LEU F 81 6.62 30.51 0.42
CA LEU F 81 7.79 30.39 -0.44
C LEU F 81 7.62 29.26 -1.46
N LEU F 82 7.14 28.10 -1.01
CA LEU F 82 6.89 27.00 -1.95
C LEU F 82 5.79 27.37 -2.95
N MET F 83 4.74 28.04 -2.49
CA MET F 83 3.74 28.54 -3.42
C MET F 83 4.35 29.54 -4.39
N ALA F 84 5.23 30.40 -3.90
CA ALA F 84 5.99 31.28 -4.79
C ALA F 84 6.90 30.47 -5.71
N ASN F 85 7.58 29.47 -5.16
CA ASN F 85 8.49 28.64 -5.96
C ASN F 85 7.73 27.84 -7.00
N ALA F 86 6.59 27.25 -6.61
CA ALA F 86 5.82 26.43 -7.55
C ALA F 86 5.21 27.28 -8.66
N SER F 87 4.73 28.47 -8.32
CA SER F 87 4.09 29.32 -9.32
C SER F 87 5.08 29.77 -10.40
N GLN F 88 6.30 30.13 -10.00
CA GLN F 88 7.29 30.56 -10.98
C GLN F 88 7.88 29.37 -11.73
N LEU F 89 7.94 28.20 -11.09
CA LEU F 89 8.32 26.99 -11.81
C LEU F 89 7.30 26.66 -12.88
N LYS F 90 6.01 26.83 -12.57
CA LYS F 90 4.98 26.59 -13.57
C LYS F 90 5.08 27.57 -14.73
N ALA F 91 5.33 28.84 -14.43
CA ALA F 91 5.34 29.87 -15.47
C ALA F 91 6.46 29.64 -16.48
N VAL F 92 7.65 29.30 -16.00
CA VAL F 92 8.79 29.14 -16.90
C VAL F 92 8.63 27.91 -17.77
N VAL F 93 7.94 26.89 -17.25
CA VAL F 93 7.80 25.64 -18.01
C VAL F 93 6.92 25.84 -19.24
N GLU F 94 5.78 26.51 -19.08
CA GLU F 94 4.87 26.68 -20.20
C GLU F 94 5.43 27.65 -21.23
N GLN F 95 6.22 28.63 -20.79
CA GLN F 95 6.76 29.62 -21.72
C GLN F 95 7.68 28.99 -22.76
N GLY F 96 8.51 28.03 -22.34
CA GLY F 96 9.33 27.30 -23.27
C GLY F 96 10.80 27.65 -23.16
N PRO F 97 11.66 26.80 -23.74
CA PRO F 97 13.11 27.07 -23.71
C PRO F 97 13.53 28.29 -24.50
N SER F 98 12.65 28.83 -25.35
CA SER F 98 13.00 30.01 -26.15
C SER F 98 13.29 31.20 -25.25
N PHE F 99 12.54 31.35 -24.16
CA PHE F 99 12.75 32.46 -23.25
C PHE F 99 14.13 32.36 -22.60
N ALA F 100 14.77 33.51 -22.43
CA ALA F 100 16.12 33.55 -21.87
C ALA F 100 16.11 33.14 -20.41
N PHE F 101 17.29 32.70 -19.94
CA PHE F 101 17.49 32.25 -18.57
C PHE F 101 16.60 31.06 -18.21
N TYR F 102 16.21 30.26 -19.20
CA TYR F 102 15.37 29.09 -18.92
C TYR F 102 16.13 28.04 -18.13
N VAL F 103 17.32 27.68 -18.59
CA VAL F 103 18.13 26.64 -17.96
C VAL F 103 18.56 27.04 -16.54
N PRO F 104 19.12 28.23 -16.31
CA PRO F 104 19.49 28.57 -14.92
C PRO F 104 18.30 28.63 -13.99
N LEU F 105 17.13 29.05 -14.48
CA LEU F 105 15.96 29.15 -13.61
C LEU F 105 15.48 27.78 -13.17
N VAL F 106 15.51 26.79 -14.08
CA VAL F 106 15.00 25.46 -13.74
C VAL F 106 15.88 24.81 -12.67
N VAL F 107 17.21 24.90 -12.84
CA VAL F 107 18.11 24.29 -11.86
C VAL F 107 18.05 25.04 -10.53
N LEU F 108 17.92 26.36 -10.58
CA LEU F 108 17.86 27.15 -9.34
C LEU F 108 16.63 26.78 -8.52
N ILE F 109 15.49 26.62 -9.19
CA ILE F 109 14.28 26.19 -8.49
C ILE F 109 14.44 24.77 -7.97
N SER F 110 15.04 23.89 -8.77
CA SER F 110 15.16 22.49 -8.40
C SER F 110 16.03 22.32 -7.15
N ILE F 111 17.17 23.00 -7.10
CA ILE F 111 18.04 22.90 -5.93
C ILE F 111 17.38 23.58 -4.73
N SER F 112 16.63 24.65 -4.97
CA SER F 112 15.95 25.32 -3.86
C SER F 112 14.90 24.43 -3.23
N LEU F 113 14.12 23.72 -4.07
CA LEU F 113 13.09 22.84 -3.54
C LEU F 113 13.70 21.68 -2.77
N VAL F 114 14.80 21.11 -3.29
CA VAL F 114 15.43 19.98 -2.62
C VAL F 114 15.96 20.39 -1.24
N LEU F 115 16.59 21.56 -1.16
CA LEU F 115 17.13 22.02 0.11
C LEU F 115 16.01 22.25 1.13
N GLN F 116 14.88 22.81 0.71
CA GLN F 116 13.78 23.05 1.62
C GLN F 116 13.23 21.73 2.17
N ILE F 117 13.15 20.71 1.31
CA ILE F 117 12.69 19.39 1.78
C ILE F 117 13.68 18.83 2.81
N GLY F 118 14.98 18.96 2.53
CA GLY F 118 15.97 18.47 3.47
C GLY F 118 15.93 19.21 4.80
N VAL F 119 15.66 20.51 4.76
CA VAL F 119 15.50 21.27 5.99
C VAL F 119 14.25 20.84 6.74
N GLY F 120 13.18 20.55 5.99
CA GLY F 120 11.93 20.17 6.63
C GLY F 120 12.05 18.88 7.44
N VAL F 121 12.65 17.86 6.84
CA VAL F 121 12.86 16.61 7.57
C VAL F 121 13.86 16.81 8.70
N LEU F 122 14.85 17.68 8.47
CA LEU F 122 15.81 17.99 9.53
C LEU F 122 15.13 18.62 10.73
N LEU F 123 14.22 19.57 10.49
CA LEU F 123 13.54 20.24 11.59
C LEU F 123 12.60 19.30 12.32
N ILE F 124 12.01 18.34 11.60
CA ILE F 124 11.08 17.40 12.22
C ILE F 124 11.78 16.56 13.27
N PHE F 125 12.97 16.04 12.95
CA PHE F 125 13.70 15.18 13.87
C PHE F 125 14.54 15.96 14.87
N LEU F 126 14.62 17.28 14.74
CA LEU F 126 15.47 18.09 15.60
C LEU F 126 14.74 18.62 16.84
N VAL F 127 13.51 19.11 16.66
CA VAL F 127 12.78 19.67 17.79
C VAL F 127 12.42 18.60 18.81
N LYS F 128 12.39 17.33 18.39
CA LYS F 128 12.06 16.26 19.33
C LYS F 128 13.20 16.04 20.32
N TYR F 129 14.45 16.26 19.89
CA TYR F 129 15.57 16.23 20.82
C TYR F 129 15.54 17.39 21.81
N ASP F 130 14.83 18.47 21.50
CA ASP F 130 14.75 19.61 22.42
C ASP F 130 13.96 19.27 23.68
N LEU F 131 13.17 18.20 23.67
CA LEU F 131 12.32 17.83 24.80
C LEU F 131 12.64 16.46 25.34
N ASN F 132 12.78 15.45 24.48
CA ASN F 132 12.94 14.07 24.96
C ASN F 132 14.28 13.87 25.65
N ASN F 133 15.37 14.31 25.03
CA ASN F 133 16.71 14.08 25.56
C ASN F 133 17.63 15.21 25.12
N PRO F 134 17.77 16.24 25.94
CA PRO F 134 18.71 17.33 25.64
C PRO F 134 20.13 17.10 26.16
N ALA F 135 20.49 15.87 26.53
CA ALA F 135 21.81 15.61 27.10
C ALA F 135 22.91 15.91 26.09
N LYS F 136 22.71 15.55 24.82
CA LYS F 136 23.70 15.78 23.78
C LYS F 136 23.74 17.26 23.45
N HIS F 137 24.38 18.02 24.34
CA HIS F 137 24.43 19.48 24.17
C HIS F 137 25.30 19.86 22.98
N ALA F 138 26.45 19.19 22.82
CA ALA F 138 27.35 19.53 21.73
C ALA F 138 26.74 19.16 20.37
N LYS F 139 26.11 17.98 20.29
CA LYS F 139 25.54 17.55 19.03
C LYS F 139 24.35 18.42 18.63
N LEU F 140 23.55 18.85 19.61
CA LEU F 140 22.35 19.63 19.31
C LEU F 140 22.70 20.96 18.68
N ASP F 141 23.75 21.63 19.19
CA ASP F 141 24.15 22.92 18.62
C ASP F 141 24.63 22.77 17.18
N PHE F 142 25.40 21.70 16.90
CA PHE F 142 25.91 21.50 15.55
C PHE F 142 24.76 21.28 14.57
N LEU F 143 23.71 20.57 14.99
CA LEU F 143 22.54 20.38 14.14
C LEU F 143 21.84 21.71 13.87
N ASN F 144 21.77 22.58 14.89
CA ASN F 144 21.14 23.88 14.70
C ASN F 144 21.91 24.74 13.70
N ASN F 145 23.24 24.72 13.78
CA ASN F 145 24.05 25.49 12.84
C ASN F 145 23.89 24.96 11.42
N LEU F 146 23.84 23.64 11.25
CA LEU F 146 23.63 23.07 9.92
C LEU F 146 22.27 23.49 9.37
N ALA F 147 21.23 23.46 10.20
CA ALA F 147 19.93 23.94 9.77
C ALA F 147 19.97 25.43 9.43
N THR F 148 20.68 26.22 10.25
CA THR F 148 20.83 27.64 9.96
C THR F 148 21.57 27.87 8.65
N GLY F 149 22.63 27.09 8.40
CA GLY F 149 23.37 27.24 7.17
C GLY F 149 22.56 26.81 5.95
N LEU F 150 21.77 25.74 6.09
CA LEU F 150 20.96 25.27 4.98
C LEU F 150 19.86 26.28 4.63
N VAL F 151 19.30 26.94 5.63
CA VAL F 151 18.36 28.03 5.36
C VAL F 151 19.08 29.20 4.71
N PHE F 152 20.32 29.46 5.12
CA PHE F 152 21.08 30.58 4.59
C PHE F 152 21.28 30.43 3.08
N ILE F 153 21.70 29.24 2.65
CA ILE F 153 21.91 29.04 1.22
C ILE F 153 20.56 29.05 0.48
N ILE F 154 19.49 28.66 1.16
CA ILE F 154 18.16 28.67 0.52
C ILE F 154 17.76 30.08 0.14
N VAL F 155 17.96 31.05 1.04
CA VAL F 155 17.55 32.41 0.75
C VAL F 155 18.43 33.03 -0.33
N VAL F 156 19.68 32.56 -0.47
CA VAL F 156 20.56 33.09 -1.51
C VAL F 156 20.04 32.69 -2.90
N VAL F 157 19.61 31.43 -3.04
CA VAL F 157 19.01 31.00 -4.29
C VAL F 157 17.73 31.76 -4.57
N ASN F 158 16.90 31.96 -3.54
CA ASN F 158 15.66 32.71 -3.72
C ASN F 158 15.92 34.15 -4.12
N ILE F 159 17.00 34.75 -3.60
CA ILE F 159 17.35 36.10 -4.01
C ILE F 159 17.68 36.14 -5.49
N PHE F 160 18.45 35.16 -5.97
CA PHE F 160 18.80 35.12 -7.38
C PHE F 160 17.62 34.70 -8.26
N ILE F 161 16.73 33.86 -7.72
CA ILE F 161 15.56 33.44 -8.49
C ILE F 161 14.67 34.63 -8.80
N THR F 162 14.39 35.47 -7.79
CA THR F 162 13.56 36.64 -8.01
C THR F 162 14.26 37.65 -8.91
N ALA F 163 15.58 37.80 -8.76
CA ALA F 163 16.32 38.75 -9.57
C ALA F 163 16.29 38.36 -11.05
N PHE F 164 16.42 37.06 -11.34
CA PHE F 164 16.44 36.59 -12.71
C PHE F 164 15.03 36.34 -13.23
C1 CLR G . 3.97 -4.52 11.84
C2 CLR G . 4.83 -5.10 12.96
C3 CLR G . 3.99 -5.52 14.15
C4 CLR G . 2.88 -6.47 13.71
C5 CLR G . 2.08 -5.91 12.56
C6 CLR G . 0.75 -5.83 12.64
C7 CLR G . -0.14 -5.49 11.49
C8 CLR G . 0.61 -5.49 10.16
C9 CLR G . 1.94 -4.74 10.33
C10 CLR G . 2.87 -5.47 11.34
C11 CLR G . 2.61 -4.44 8.99
C12 CLR G . 1.67 -3.88 7.91
C13 CLR G . 0.45 -4.77 7.70
C14 CLR G . -0.24 -4.86 9.08
C15 CLR G . -1.59 -5.48 8.79
C16 CLR G . -2.01 -4.80 7.46
C17 CLR G . -0.71 -4.22 6.82
C18 CLR G . 0.87 -6.15 7.17
C19 CLR G . 3.52 -6.71 10.72
C20 CLR G . -0.65 -4.40 5.30
C21 CLR G . -0.76 -3.08 4.53
C22 CLR G . -1.73 -5.41 4.83
C23 CLR G . -2.73 -4.91 3.79
C24 CLR G . -4.05 -5.67 3.88
C25 CLR G . -4.88 -5.42 5.14
C26 CLR G . -5.09 -3.92 5.35
C27 CLR G . -6.23 -6.14 5.11
O1 CLR G . 4.84 -6.12 15.11
C1 CLR H . -11.86 -18.35 12.33
C2 CLR H . -10.95 -18.89 13.44
C3 CLR H . -11.73 -19.28 14.67
C4 CLR H . -12.84 -20.26 14.31
C5 CLR H . -13.71 -19.75 13.18
C6 CLR H . -15.03 -19.70 13.32
C7 CLR H . -15.98 -19.39 12.21
C8 CLR H . -15.29 -19.38 10.85
C9 CLR H . -13.96 -18.62 10.94
C10 CLR H . -12.98 -19.33 11.92
C11 CLR H . -13.35 -18.35 9.56
C12 CLR H . -14.34 -17.80 8.52
C13 CLR H . -15.57 -18.69 8.39
C14 CLR H . -16.19 -18.75 9.80
C15 CLR H . -17.57 -19.34 9.58
C16 CLR H . -18.03 -18.71 8.26
C17 CLR H . -16.77 -18.11 7.58
C18 CLR H . -15.20 -20.07 7.87
C19 CLR H . -12.35 -20.57 11.28
C20 CLR H . -16.78 -18.28 6.04
C21 CLR H . -16.96 -16.95 5.30
C22 CLR H . -17.84 -19.31 5.61
C23 CLR H . -18.98 -18.79 4.73
C24 CLR H . -20.11 -19.81 4.60
C25 CLR H . -20.92 -20.08 5.86
C26 CLR H . -21.37 -18.77 6.50
C27 CLR H . -22.13 -20.97 5.59
O1 CLR H . -10.83 -19.83 15.60
C1 CLR I . -13.53 -15.43 13.52
C2 CLR I . -13.70 -15.64 15.02
C3 CLR I . -12.36 -15.77 15.72
C4 CLR I . -11.50 -14.54 15.41
C5 CLR I . -11.37 -14.28 13.94
C6 CLR I . -10.18 -14.03 13.40
C7 CLR I . -9.96 -13.62 11.98
C8 CLR I . -11.24 -13.22 11.27
C9 CLR I . -12.37 -14.21 11.63
C10 CLR I . -12.66 -14.20 13.15
C11 CLR I . -13.61 -13.99 10.76
C12 CLR I . -13.32 -13.89 9.25
C13 CLR I . -12.27 -12.82 8.95
C14 CLR I . -11.03 -13.20 9.77
C15 CLR I . -9.93 -12.31 9.21
C16 CLR I . -10.24 -12.27 7.70
C17 CLR I . -11.70 -12.79 7.51
C18 CLR I . -12.80 -11.43 9.32
C19 CLR I . -13.40 -12.92 13.58
C20 CLR I . -12.47 -12.04 6.41
C21 CLR I . -12.83 -12.94 5.23
C22 CLR I . -11.69 -10.80 5.94
C23 CLR I . -11.33 -10.72 4.47
C24 CLR I . -10.20 -9.74 4.20
C25 CLR I . -8.80 -10.19 4.61
C26 CLR I . -8.57 -11.65 4.21
C27 CLR I . -7.71 -9.31 4.04
O1 CLR I . -12.58 -15.92 17.10
C1 CLR J . 19.74 9.46 11.15
C2 CLR J . 20.58 8.86 12.27
C3 CLR J . 19.73 8.48 13.47
C4 CLR J . 18.58 7.57 13.03
C5 CLR J . 17.81 8.11 11.86
C6 CLR J . 16.48 8.03 11.83
C7 CLR J . 15.64 8.30 10.63
C8 CLR J . 16.46 8.41 9.36
C9 CLR J . 17.71 9.25 9.63
C10 CLR J . 18.63 8.52 10.65
C11 CLR J . 18.43 9.65 8.32
C12 CLR J . 17.49 10.22 7.25
C13 CLR J . 16.36 9.25 6.91
C14 CLR J . 15.63 9.03 8.24
C15 CLR J . 14.34 8.33 7.84
C16 CLR J . 13.92 9.14 6.61
C17 CLR J . 15.21 9.76 6.00
C18 CLR J . 16.94 7.96 6.33
C19 CLR J . 19.25 7.26 10.04
C20 CLR J . 15.29 9.57 4.48
C21 CLR J . 15.06 10.86 3.70
C22 CLR J . 14.33 8.46 4.01
C23 CLR J . 13.28 8.84 2.99
C24 CLR J . 12.03 7.96 3.09
C25 CLR J . 11.17 8.20 4.32
C26 CLR J . 10.84 9.69 4.46
C27 CLR J . 9.87 7.39 4.29
O1 CLR J . 20.55 7.86 14.43
C1 CLR K . 2.23 -1.49 12.66
C2 CLR K . 2.12 -1.78 14.15
C3 CLR K . 3.51 -1.98 14.73
C4 CLR K . 4.32 -0.71 14.55
C5 CLR K . 4.42 -0.35 13.09
C6 CLR K . 5.60 0.01 12.57
C7 CLR K . 5.80 0.48 11.17
C8 CLR K . 4.50 0.72 10.41
C9 CLR K . 3.48 -0.36 10.79
C10 CLR K . 3.13 -0.28 12.29
C11 CLR K . 2.25 -0.35 9.85
C12 CLR K . 2.60 -0.32 8.36
C13 CLR K . 3.50 0.88 8.03
C14 CLR K . 4.75 0.70 8.91
C15 CLR K . 5.76 1.67 8.33
C16 CLR K . 5.57 1.45 6.82
C17 CLR K . 4.12 0.92 6.61
C18 CLR K . 2.77 2.18 8.32
C19 CLR K . 2.41 1.02 12.66
C20 CLR K . 3.38 1.67 5.49
C21 CLR K . 3.09 0.79 4.27
C22 CLR K . 4.12 2.96 5.10
C23 CLR K . 4.53 3.10 3.63
C24 CLR K . 5.79 3.94 3.47
C25 CLR K . 7.09 3.29 3.99
C26 CLR K . 7.25 1.88 3.43
C27 CLR K . 8.32 4.13 3.67
O1 CLR K . 3.38 -2.36 16.09
C1 CLR L . 18.13 12.54 12.11
C2 CLR L . 18.02 12.28 13.61
C3 CLR L . 19.40 12.00 14.18
C4 CLR L . 20.27 13.23 13.97
C5 CLR L . 20.39 13.56 12.50
C6 CLR L . 21.58 13.70 11.94
C7 CLR L . 21.82 14.10 10.52
C8 CLR L . 20.54 14.53 9.81
C9 CLR L . 19.37 13.62 10.21
C10 CLR L . 19.09 13.70 11.73
C11 CLR L . 18.14 13.86 9.33
C12 CLR L . 18.42 13.87 7.82
C13 CLR L . 19.51 14.90 7.47
C14 CLR L . 20.74 14.50 8.30
C15 CLR L . 21.88 15.32 7.72
C16 CLR L . 21.58 15.26 6.21
C17 CLR L . 20.09 14.84 6.04
C18 CLR L . 19.04 16.32 7.79
C19 CLR L . 18.44 15.03 12.13
C20 CLR L . 19.38 15.61 4.91
C21 CLR L . 19.04 14.72 3.71
C22 CLR L . 20.19 16.84 4.47
C23 CLR L . 20.65 16.90 3.02
C24 CLR L . 21.63 18.04 2.77
C25 CLR L . 23.02 17.86 3.39
C26 CLR L . 23.61 16.51 2.98
C27 CLR L . 23.98 18.98 2.99
O1 CLR L . 19.28 11.67 15.54
#